data_1M41
#
_entry.id   1M41
#
_cell.length_a   116.350
_cell.length_b   140.760
_cell.length_c   125.210
_cell.angle_alpha   90.00
_cell.angle_beta   90.00
_cell.angle_gamma   90.00
#
_symmetry.space_group_name_H-M   'C 2 2 21'
#
loop_
_entity.id
_entity.type
_entity.pdbx_description
1 polymer 'FMNH2-dependent alkanesulfonate monooxygenase'
2 water water
#
_entity_poly.entity_id   1
_entity_poly.type   'polypeptide(L)'
_entity_poly.pdbx_seq_one_letter_code
;SLNMFWFLPTHGDGHYLGTEEGSRPVDHGYLQQIAQAADRLGYTGVLIPTGRSCEDAWLVAASMIPVTQRLKFLVALRPS
VTSPTVAARQAATLDRLSNGRALFNLVTGSDPQELAGDGVFLDHSERYEASAEFTQVWRRLLQRETVDFNGKHIHVRGAK
LLFPAIQQPYPPLYFGGSSDVAQELAAEQVDLYLTWGEPPELVKEKIEQVRAKAAAHGRKIRFGIRLHVIVRETNDEAWQ
AAERLISHLDDETIAKAQAAFARTDSVGQQRMAALHNGKRDNLEISPNLWAGVGLVRGGAGTALVGDGPTVAARINEYAA
LGIDSFVLSGYPHLEEAYRVGELLFPLLDVAIPEIPQPQPLNPQGEAVANDFIPRKVAQS
;
_entity_poly.pdbx_strand_id   A,B
#
# COMPACT_ATOMS: atom_id res chain seq x y z
N SER A 1 -31.97 -4.82 -0.52
CA SER A 1 -31.24 -3.78 0.27
C SER A 1 -30.25 -3.00 -0.61
N LEU A 2 -30.06 -1.71 -0.31
CA LEU A 2 -29.10 -0.94 -1.07
C LEU A 2 -27.73 -0.90 -0.38
N ASN A 3 -26.67 -0.93 -1.19
CA ASN A 3 -25.33 -0.87 -0.64
C ASN A 3 -24.85 0.56 -0.78
N MET A 4 -24.79 1.26 0.35
CA MET A 4 -24.36 2.66 0.34
C MET A 4 -22.88 2.81 0.61
N PHE A 5 -22.19 3.52 -0.26
CA PHE A 5 -20.77 3.76 -0.14
C PHE A 5 -20.57 5.23 0.07
N TRP A 6 -19.41 5.60 0.62
CA TRP A 6 -19.07 7.01 0.80
C TRP A 6 -17.77 7.23 0.01
N PHE A 7 -17.06 8.31 0.29
CA PHE A 7 -15.86 8.65 -0.53
C PHE A 7 -14.74 9.20 0.42
N LEU A 8 -13.50 8.86 0.15
CA LEU A 8 -12.40 9.40 0.92
C LEU A 8 -11.85 10.42 -0.05
N PRO A 9 -11.95 11.73 0.28
CA PRO A 9 -11.47 12.82 -0.57
C PRO A 9 -9.98 13.09 -0.52
N THR A 10 -9.22 12.06 -0.83
CA THR A 10 -7.74 12.09 -0.83
C THR A 10 -7.11 13.13 -1.74
N HIS A 11 -7.91 13.83 -2.52
CA HIS A 11 -7.41 14.88 -3.41
C HIS A 11 -7.56 16.23 -2.73
N GLY A 12 -8.58 16.35 -1.87
CA GLY A 12 -8.82 17.58 -1.15
C GLY A 12 -10.27 17.70 -0.75
N ASP A 13 -10.59 18.62 0.14
CA ASP A 13 -11.97 18.76 0.61
C ASP A 13 -12.25 20.23 0.99
N GLY A 14 -13.50 20.56 1.25
CA GLY A 14 -13.79 21.95 1.62
C GLY A 14 -15.29 22.13 1.53
N HIS A 15 -15.76 23.36 1.69
CA HIS A 15 -17.19 23.67 1.57
C HIS A 15 -17.45 24.31 0.20
N TYR A 16 -16.36 24.73 -0.46
CA TYR A 16 -16.50 25.42 -1.75
C TYR A 16 -15.70 24.80 -2.86
N LEU A 17 -16.24 24.86 -4.07
CA LEU A 17 -15.57 24.32 -5.25
C LEU A 17 -14.84 25.34 -6.11
N GLY A 18 -13.60 25.01 -6.49
CA GLY A 18 -12.81 25.87 -7.35
C GLY A 18 -11.92 26.92 -6.71
N THR A 19 -11.93 26.98 -5.38
CA THR A 19 -11.11 27.96 -4.70
C THR A 19 -10.60 27.39 -3.38
N GLU A 20 -9.52 27.99 -2.87
CA GLU A 20 -8.91 27.57 -1.60
C GLU A 20 -9.75 28.09 -0.42
N GLU A 21 -10.76 28.91 -0.71
CA GLU A 21 -11.63 29.45 0.34
C GLU A 21 -12.38 28.27 0.99
N GLY A 22 -12.72 28.40 2.29
CA GLY A 22 -13.44 27.35 3.00
C GLY A 22 -12.89 25.94 2.83
N SER A 23 -11.64 25.88 2.41
CA SER A 23 -10.93 24.63 2.19
C SER A 23 -10.75 23.90 3.52
N ARG A 24 -10.46 22.60 3.46
CA ARG A 24 -10.21 21.79 4.65
C ARG A 24 -9.02 20.92 4.33
N PRO A 25 -8.00 20.90 5.21
CA PRO A 25 -6.80 20.08 4.96
C PRO A 25 -7.08 18.58 5.03
N VAL A 26 -6.56 17.83 4.06
CA VAL A 26 -6.75 16.39 4.09
C VAL A 26 -5.48 15.71 4.51
N ASP A 27 -5.59 14.84 5.51
CA ASP A 27 -4.46 14.08 6.00
C ASP A 27 -4.97 12.77 6.59
N HIS A 28 -4.07 11.94 7.11
CA HIS A 28 -4.51 10.66 7.68
C HIS A 28 -5.56 10.84 8.76
N GLY A 29 -5.37 11.81 9.65
CA GLY A 29 -6.32 12.03 10.74
C GLY A 29 -7.75 12.43 10.31
N TYR A 30 -7.90 13.07 9.17
CA TYR A 30 -9.21 13.51 8.68
C TYR A 30 -9.85 12.41 7.80
N LEU A 31 -8.99 11.67 7.12
CA LEU A 31 -9.48 10.56 6.30
C LEU A 31 -10.02 9.49 7.26
N GLN A 32 -9.36 9.33 8.40
CA GLN A 32 -9.76 8.34 9.39
C GLN A 32 -11.07 8.81 10.04
N GLN A 33 -11.22 10.13 10.14
CA GLN A 33 -12.43 10.72 10.69
C GLN A 33 -13.61 10.34 9.79
N ILE A 34 -13.38 10.42 8.48
CA ILE A 34 -14.45 10.04 7.55
C ILE A 34 -14.57 8.53 7.47
N ALA A 35 -13.45 7.81 7.35
CA ALA A 35 -13.54 6.34 7.30
C ALA A 35 -14.29 5.82 8.53
N GLN A 36 -13.90 6.34 9.67
CA GLN A 36 -14.53 5.91 10.90
C GLN A 36 -15.98 6.38 10.93
N ALA A 37 -16.28 7.50 10.28
CA ALA A 37 -17.67 7.96 10.19
C ALA A 37 -18.49 6.88 9.48
N ALA A 38 -18.03 6.55 8.26
CA ALA A 38 -18.64 5.59 7.33
C ALA A 38 -18.90 4.22 7.95
N ASP A 39 -17.92 3.76 8.71
CA ASP A 39 -18.01 2.51 9.42
C ASP A 39 -19.15 2.52 10.43
N ARG A 40 -19.30 3.60 11.18
CA ARG A 40 -20.36 3.63 12.19
C ARG A 40 -21.76 3.98 11.65
N LEU A 41 -21.82 4.81 10.62
CA LEU A 41 -23.12 5.19 10.10
C LEU A 41 -23.73 4.07 9.27
N GLY A 42 -22.94 3.02 8.99
CA GLY A 42 -23.49 1.90 8.27
C GLY A 42 -23.26 1.89 6.77
N TYR A 43 -22.32 2.69 6.28
CA TYR A 43 -22.08 2.62 4.87
C TYR A 43 -21.32 1.32 4.70
N THR A 44 -21.64 0.64 3.61
CA THR A 44 -21.06 -0.63 3.25
C THR A 44 -19.59 -0.52 2.96
N GLY A 45 -19.21 0.55 2.30
CA GLY A 45 -17.83 0.69 1.93
C GLY A 45 -17.51 2.12 1.65
N VAL A 46 -16.31 2.34 1.11
CA VAL A 46 -15.92 3.70 0.87
C VAL A 46 -15.07 3.64 -0.35
N LEU A 47 -15.31 4.56 -1.29
CA LEU A 47 -14.52 4.63 -2.50
C LEU A 47 -13.37 5.60 -2.29
N ILE A 48 -12.17 5.15 -2.66
CA ILE A 48 -10.95 5.91 -2.55
C ILE A 48 -10.46 6.03 -3.98
N PRO A 49 -10.37 7.27 -4.50
CA PRO A 49 -9.93 7.55 -5.88
C PRO A 49 -8.49 7.35 -6.29
N THR A 50 -8.25 7.51 -7.59
CA THR A 50 -6.92 7.35 -8.17
C THR A 50 -6.55 8.55 -9.02
N GLY A 51 -5.25 8.80 -9.16
CA GLY A 51 -4.81 9.93 -9.94
C GLY A 51 -3.65 10.59 -9.23
N ARG A 52 -2.88 11.37 -9.97
CA ARG A 52 -1.71 12.05 -9.43
C ARG A 52 -2.11 13.08 -8.37
N SER A 53 -3.38 13.48 -8.38
CA SER A 53 -3.85 14.47 -7.40
C SER A 53 -4.29 13.79 -6.10
N CYS A 54 -4.13 12.47 -6.04
CA CYS A 54 -4.55 11.71 -4.86
C CYS A 54 -3.47 10.97 -4.10
N GLU A 55 -3.61 10.94 -2.77
CA GLU A 55 -2.70 10.19 -1.93
C GLU A 55 -2.91 8.76 -2.49
N ASP A 56 -1.91 7.89 -2.43
CA ASP A 56 -2.09 6.52 -2.96
C ASP A 56 -3.19 5.77 -2.21
N ALA A 57 -4.18 5.30 -2.96
CA ALA A 57 -5.33 4.59 -2.45
C ALA A 57 -5.07 3.31 -1.66
N TRP A 58 -4.08 2.53 -2.08
CA TRP A 58 -3.79 1.30 -1.37
C TRP A 58 -3.29 1.60 0.02
N LEU A 59 -2.35 2.54 0.10
CA LEU A 59 -1.80 2.97 1.37
C LEU A 59 -2.91 3.60 2.21
N VAL A 60 -3.61 4.56 1.66
CA VAL A 60 -4.69 5.17 2.39
C VAL A 60 -5.64 4.13 2.94
N ALA A 61 -6.00 3.17 2.10
CA ALA A 61 -6.93 2.10 2.48
C ALA A 61 -6.32 1.24 3.59
N ALA A 62 -5.15 0.69 3.34
CA ALA A 62 -4.45 -0.11 4.35
C ALA A 62 -4.35 0.64 5.68
N SER A 63 -4.19 1.96 5.61
CA SER A 63 -4.07 2.71 6.87
C SER A 63 -5.35 2.82 7.67
N MET A 64 -6.49 2.46 7.07
CA MET A 64 -7.78 2.55 7.80
C MET A 64 -8.19 1.18 8.36
N ILE A 65 -7.35 0.18 8.17
CA ILE A 65 -7.68 -1.16 8.61
C ILE A 65 -7.83 -1.37 10.09
N PRO A 66 -6.76 -1.12 10.87
CA PRO A 66 -6.89 -1.33 12.32
C PRO A 66 -7.94 -0.45 12.98
N VAL A 67 -8.44 0.54 12.25
CA VAL A 67 -9.44 1.44 12.85
C VAL A 67 -10.90 1.41 12.38
N THR A 68 -11.25 0.49 11.47
CA THR A 68 -12.62 0.30 11.02
C THR A 68 -12.87 -1.23 11.20
N GLN A 69 -14.10 -1.66 11.43
CA GLN A 69 -14.33 -3.08 11.66
C GLN A 69 -15.17 -3.81 10.60
N ARG A 70 -16.00 -3.06 9.91
CA ARG A 70 -16.89 -3.63 8.90
C ARG A 70 -16.83 -2.98 7.52
N LEU A 71 -16.44 -1.71 7.48
CA LEU A 71 -16.35 -0.93 6.25
C LEU A 71 -15.41 -1.53 5.24
N LYS A 72 -15.80 -1.43 3.97
CA LYS A 72 -15.01 -1.97 2.93
C LYS A 72 -14.38 -0.85 2.21
N PHE A 73 -13.34 -1.19 1.47
CA PHE A 73 -12.56 -0.22 0.74
C PHE A 73 -12.58 -0.48 -0.73
N LEU A 74 -13.10 0.47 -1.50
CA LEU A 74 -13.10 0.31 -2.96
C LEU A 74 -11.83 1.02 -3.42
N VAL A 75 -10.84 0.24 -3.83
CA VAL A 75 -9.57 0.79 -4.27
C VAL A 75 -9.37 0.71 -5.77
N ALA A 76 -8.72 1.74 -6.32
CA ALA A 76 -8.43 1.82 -7.74
C ALA A 76 -7.31 0.87 -8.12
N LEU A 77 -7.50 0.18 -9.25
CA LEU A 77 -6.51 -0.77 -9.74
C LEU A 77 -6.17 -0.27 -11.17
N ARG A 78 -4.88 -0.08 -11.45
CA ARG A 78 -4.39 0.42 -12.74
C ARG A 78 -3.64 -0.61 -13.59
N PRO A 79 -4.35 -1.22 -14.54
CA PRO A 79 -3.85 -2.26 -15.46
C PRO A 79 -2.58 -1.98 -16.25
N SER A 80 -2.27 -0.71 -16.48
CA SER A 80 -1.09 -0.40 -17.29
C SER A 80 0.23 -0.23 -16.56
N VAL A 81 0.26 0.66 -15.57
CA VAL A 81 1.50 0.94 -14.83
C VAL A 81 2.00 -0.16 -13.89
N THR A 82 1.13 -1.09 -13.51
CA THR A 82 1.57 -2.15 -12.59
C THR A 82 1.40 -3.55 -13.13
N SER A 83 2.37 -4.42 -12.80
CA SER A 83 2.29 -5.81 -13.22
C SER A 83 0.99 -6.41 -12.65
N PRO A 84 0.38 -7.35 -13.37
CA PRO A 84 -0.86 -7.94 -12.85
C PRO A 84 -0.58 -8.81 -11.64
N THR A 85 0.68 -9.23 -11.52
CA THR A 85 1.10 -10.09 -10.43
C THR A 85 1.12 -9.28 -9.12
N VAL A 86 2.01 -8.30 -9.04
CA VAL A 86 2.10 -7.48 -7.83
C VAL A 86 0.69 -7.11 -7.39
N ALA A 87 -0.07 -6.52 -8.31
CA ALA A 87 -1.43 -6.12 -8.10
C ALA A 87 -2.24 -7.29 -7.53
N ALA A 88 -1.83 -8.51 -7.84
CA ALA A 88 -2.55 -9.66 -7.29
C ALA A 88 -2.09 -9.91 -5.87
N ARG A 89 -0.80 -9.68 -5.62
CA ARG A 89 -0.26 -9.85 -4.29
C ARG A 89 -0.81 -8.78 -3.34
N GLN A 90 -0.91 -7.56 -3.84
CA GLN A 90 -1.39 -6.45 -3.02
C GLN A 90 -2.84 -6.66 -2.69
N ALA A 91 -3.64 -7.03 -3.70
CA ALA A 91 -5.06 -7.26 -3.48
C ALA A 91 -5.23 -8.32 -2.40
N ALA A 92 -4.46 -9.39 -2.51
CA ALA A 92 -4.58 -10.46 -1.54
C ALA A 92 -4.18 -9.95 -0.15
N THR A 93 -3.04 -9.26 -0.04
CA THR A 93 -2.59 -8.76 1.25
C THR A 93 -3.63 -7.83 1.85
N LEU A 94 -4.18 -6.95 1.04
CA LEU A 94 -5.20 -6.00 1.50
C LEU A 94 -6.43 -6.77 2.01
N ASP A 95 -6.79 -7.83 1.31
CA ASP A 95 -7.98 -8.58 1.66
C ASP A 95 -7.76 -9.35 2.94
N ARG A 96 -6.58 -9.92 3.07
CA ARG A 96 -6.28 -10.66 4.27
C ARG A 96 -6.09 -9.71 5.47
N LEU A 97 -5.27 -8.66 5.33
CA LEU A 97 -5.07 -7.78 6.50
C LEU A 97 -6.39 -7.17 6.97
N SER A 98 -7.36 -6.99 6.09
CA SER A 98 -8.62 -6.40 6.56
C SER A 98 -9.66 -7.47 6.84
N ASN A 99 -9.26 -8.72 6.70
CA ASN A 99 -10.17 -9.80 6.97
C ASN A 99 -11.36 -9.86 5.99
N GLY A 100 -11.11 -9.68 4.70
CA GLY A 100 -12.19 -9.76 3.73
C GLY A 100 -12.90 -8.47 3.35
N ARG A 101 -12.26 -7.32 3.54
CA ARG A 101 -12.97 -6.07 3.23
C ARG A 101 -12.46 -5.24 2.05
N ALA A 102 -11.74 -5.89 1.14
CA ALA A 102 -11.20 -5.21 -0.04
C ALA A 102 -12.08 -5.44 -1.25
N LEU A 103 -12.19 -4.40 -2.09
CA LEU A 103 -13.00 -4.41 -3.32
C LEU A 103 -12.10 -3.64 -4.25
N PHE A 104 -12.13 -3.97 -5.54
CA PHE A 104 -11.30 -3.26 -6.47
C PHE A 104 -12.10 -2.60 -7.54
N ASN A 105 -11.50 -1.57 -8.13
CA ASN A 105 -12.17 -0.75 -9.13
C ASN A 105 -11.18 -0.60 -10.26
N LEU A 106 -11.57 -1.05 -11.45
CA LEU A 106 -10.66 -0.92 -12.58
C LEU A 106 -10.74 0.46 -13.18
N VAL A 107 -9.56 1.05 -13.39
CA VAL A 107 -9.39 2.36 -13.99
C VAL A 107 -8.45 2.14 -15.17
N THR A 108 -8.95 2.39 -16.37
CA THR A 108 -8.14 2.18 -17.57
C THR A 108 -7.20 3.35 -17.84
N GLY A 109 -7.61 4.55 -17.45
CA GLY A 109 -6.78 5.72 -17.67
C GLY A 109 -7.29 6.60 -18.81
N SER A 110 -7.02 7.90 -18.72
CA SER A 110 -7.46 8.85 -19.74
C SER A 110 -6.35 9.80 -20.18
N ASP A 111 -6.71 11.06 -20.38
CA ASP A 111 -5.76 12.08 -20.79
C ASP A 111 -5.87 13.28 -19.85
N PRO A 112 -5.04 14.32 -20.07
CA PRO A 112 -4.03 14.41 -21.12
C PRO A 112 -2.73 13.64 -20.85
N GLN A 113 -1.62 14.38 -20.87
CA GLN A 113 -0.29 13.83 -20.65
C GLN A 113 -0.11 13.46 -19.18
N GLU A 114 -0.76 12.38 -18.74
CA GLU A 114 -0.65 11.94 -17.36
C GLU A 114 0.00 10.57 -17.32
N LEU A 115 -0.48 9.67 -18.18
CA LEU A 115 0.08 8.33 -18.25
C LEU A 115 1.52 8.46 -18.69
N ALA A 116 1.80 9.49 -19.48
CA ALA A 116 3.15 9.71 -19.96
C ALA A 116 4.05 9.82 -18.72
N GLY A 117 3.47 10.34 -17.64
CA GLY A 117 4.20 10.51 -16.39
C GLY A 117 4.65 9.21 -15.72
N ASP A 118 3.83 8.17 -15.85
CA ASP A 118 4.15 6.87 -15.26
C ASP A 118 4.83 5.94 -16.25
N GLY A 119 5.33 6.52 -17.34
CA GLY A 119 6.02 5.73 -18.34
C GLY A 119 5.17 4.78 -19.16
N VAL A 120 3.88 5.05 -19.31
CA VAL A 120 3.03 4.19 -20.12
C VAL A 120 2.55 4.99 -21.33
N PHE A 121 3.04 4.61 -22.49
CA PHE A 121 2.68 5.30 -23.73
C PHE A 121 1.92 4.34 -24.65
N LEU A 122 0.60 4.26 -24.46
CA LEU A 122 -0.24 3.39 -25.29
C LEU A 122 -1.46 4.14 -25.81
N ASP A 123 -1.98 3.66 -26.93
CA ASP A 123 -3.14 4.25 -27.59
C ASP A 123 -4.46 3.82 -26.93
N HIS A 124 -5.48 4.67 -27.01
CA HIS A 124 -6.77 4.37 -26.43
C HIS A 124 -7.24 2.95 -26.71
N SER A 125 -6.75 2.36 -27.80
CA SER A 125 -7.13 1.00 -28.16
C SER A 125 -6.27 0.05 -27.34
N GLU A 126 -4.96 0.29 -27.38
CA GLU A 126 -3.99 -0.54 -26.68
C GLU A 126 -4.17 -0.64 -25.17
N ARG A 127 -4.67 0.42 -24.54
CA ARG A 127 -4.89 0.41 -23.10
C ARG A 127 -6.06 -0.48 -22.72
N TYR A 128 -7.18 -0.35 -23.41
CA TYR A 128 -8.31 -1.23 -23.12
C TYR A 128 -7.87 -2.65 -23.49
N GLU A 129 -6.87 -2.76 -24.36
CA GLU A 129 -6.36 -4.06 -24.76
C GLU A 129 -5.58 -4.66 -23.58
N ALA A 130 -4.72 -3.83 -22.99
CA ALA A 130 -3.88 -4.22 -21.87
C ALA A 130 -4.68 -4.50 -20.59
N SER A 131 -5.83 -3.85 -20.47
CA SER A 131 -6.70 -4.03 -19.31
C SER A 131 -7.26 -5.43 -19.27
N ALA A 132 -7.80 -5.86 -20.41
CA ALA A 132 -8.40 -7.18 -20.50
C ALA A 132 -7.34 -8.23 -20.22
N GLU A 133 -6.17 -8.07 -20.82
CA GLU A 133 -5.14 -9.07 -20.55
C GLU A 133 -4.97 -9.04 -19.04
N PHE A 134 -4.56 -7.87 -18.54
CA PHE A 134 -4.34 -7.63 -17.12
C PHE A 134 -5.34 -8.29 -16.18
N THR A 135 -6.62 -7.93 -16.30
CA THR A 135 -7.55 -8.51 -15.37
C THR A 135 -7.82 -9.98 -15.53
N GLN A 136 -7.49 -10.53 -16.70
CA GLN A 136 -7.68 -11.96 -16.93
C GLN A 136 -6.61 -12.68 -16.10
N VAL A 137 -5.42 -12.11 -16.08
CA VAL A 137 -4.31 -12.69 -15.33
C VAL A 137 -4.50 -12.48 -13.84
N TRP A 138 -4.98 -11.29 -13.47
CA TRP A 138 -5.19 -10.98 -12.06
C TRP A 138 -6.24 -11.93 -11.50
N ARG A 139 -7.39 -12.04 -12.18
CA ARG A 139 -8.47 -12.94 -11.73
C ARG A 139 -7.98 -14.36 -11.62
N ARG A 140 -7.23 -14.81 -12.60
CA ARG A 140 -6.73 -16.17 -12.57
C ARG A 140 -5.77 -16.33 -11.40
N LEU A 141 -4.86 -15.37 -11.25
CA LEU A 141 -3.89 -15.45 -10.15
C LEU A 141 -4.53 -15.52 -8.76
N LEU A 142 -5.62 -14.79 -8.56
CA LEU A 142 -6.32 -14.78 -7.28
C LEU A 142 -7.12 -16.07 -7.08
N GLN A 143 -6.98 -17.01 -8.00
CA GLN A 143 -7.70 -18.27 -7.87
C GLN A 143 -6.76 -19.48 -7.78
N ARG A 144 -5.59 -19.21 -7.21
CA ARG A 144 -4.52 -20.19 -6.98
C ARG A 144 -3.89 -20.84 -8.22
N GLU A 145 -4.06 -20.25 -9.38
CA GLU A 145 -3.49 -20.80 -10.60
C GLU A 145 -2.06 -20.33 -10.77
N THR A 146 -1.31 -21.03 -11.61
CA THR A 146 0.07 -20.64 -11.95
C THR A 146 -0.12 -20.05 -13.33
N VAL A 147 0.66 -19.07 -13.70
CA VAL A 147 0.39 -18.48 -14.99
C VAL A 147 1.57 -18.20 -15.89
N ASP A 148 1.35 -18.48 -17.17
CA ASP A 148 2.31 -18.26 -18.24
C ASP A 148 1.38 -17.63 -19.25
N PHE A 149 1.63 -16.36 -19.57
CA PHE A 149 0.75 -15.66 -20.48
C PHE A 149 1.55 -14.59 -21.19
N ASN A 150 1.47 -14.61 -22.52
CA ASN A 150 2.19 -13.63 -23.32
C ASN A 150 1.27 -13.09 -24.40
N GLY A 151 0.71 -11.91 -24.15
CA GLY A 151 -0.17 -11.30 -25.13
C GLY A 151 0.49 -10.07 -25.72
N LYS A 152 -0.34 -9.16 -26.22
CA LYS A 152 0.18 -7.93 -26.82
C LYS A 152 0.80 -6.98 -25.79
N HIS A 153 0.43 -7.14 -24.51
CA HIS A 153 0.98 -6.25 -23.48
C HIS A 153 1.47 -6.93 -22.21
N ILE A 154 0.75 -7.94 -21.73
CA ILE A 154 1.13 -8.62 -20.51
C ILE A 154 1.96 -9.88 -20.76
N HIS A 155 3.18 -9.90 -20.22
CA HIS A 155 4.06 -11.05 -20.37
C HIS A 155 4.43 -11.54 -19.01
N VAL A 156 3.84 -12.67 -18.62
CA VAL A 156 4.07 -13.25 -17.31
C VAL A 156 4.42 -14.72 -17.46
N ARG A 157 5.43 -15.16 -16.70
CA ARG A 157 5.91 -16.55 -16.74
C ARG A 157 6.07 -17.13 -15.34
N GLY A 158 5.32 -18.19 -15.03
CA GLY A 158 5.41 -18.82 -13.72
C GLY A 158 4.79 -18.03 -12.55
N ALA A 159 4.00 -17.02 -12.88
CA ALA A 159 3.35 -16.16 -11.89
C ALA A 159 2.36 -16.87 -10.97
N LYS A 160 2.62 -16.83 -9.67
CA LYS A 160 1.74 -17.47 -8.70
C LYS A 160 1.78 -16.84 -7.29
N LEU A 161 0.62 -16.82 -6.63
CA LEU A 161 0.50 -16.28 -5.28
C LEU A 161 0.77 -17.32 -4.21
N LEU A 162 1.64 -16.99 -3.26
CA LEU A 162 1.93 -17.94 -2.21
C LEU A 162 0.83 -17.88 -1.14
N PHE A 163 0.17 -16.74 -1.02
CA PHE A 163 -0.93 -16.61 -0.06
C PHE A 163 -2.19 -16.13 -0.76
N PRO A 164 -3.31 -16.79 -0.46
CA PRO A 164 -4.65 -16.54 -1.01
C PRO A 164 -5.42 -15.38 -0.38
N ALA A 165 -6.30 -14.80 -1.18
CA ALA A 165 -7.18 -13.71 -0.76
C ALA A 165 -8.21 -14.42 0.09
N ILE A 166 -9.06 -13.67 0.78
CA ILE A 166 -10.09 -14.30 1.63
C ILE A 166 -11.40 -14.52 0.88
N GLN A 167 -11.84 -13.52 0.15
CA GLN A 167 -13.10 -13.66 -0.57
C GLN A 167 -12.91 -14.55 -1.80
N GLN A 168 -13.97 -15.25 -2.18
CA GLN A 168 -13.95 -16.13 -3.36
C GLN A 168 -15.02 -15.69 -4.35
N PRO A 169 -14.75 -15.86 -5.66
CA PRO A 169 -13.52 -16.44 -6.20
C PRO A 169 -12.36 -15.46 -6.08
N TYR A 170 -12.69 -14.23 -5.71
CA TYR A 170 -11.73 -13.17 -5.54
C TYR A 170 -12.45 -11.91 -5.08
N PRO A 171 -11.70 -10.94 -4.52
CA PRO A 171 -12.35 -9.70 -4.06
C PRO A 171 -13.15 -9.14 -5.21
N PRO A 172 -14.41 -8.76 -4.98
CA PRO A 172 -15.18 -8.23 -6.11
C PRO A 172 -14.41 -7.22 -6.94
N LEU A 173 -14.72 -7.20 -8.24
CA LEU A 173 -14.08 -6.31 -9.19
C LEU A 173 -15.17 -5.39 -9.76
N TYR A 174 -14.97 -4.08 -9.64
CA TYR A 174 -15.94 -3.09 -10.13
C TYR A 174 -15.32 -2.39 -11.32
N PHE A 175 -16.16 -1.83 -12.20
CA PHE A 175 -15.63 -1.17 -13.38
C PHE A 175 -16.59 -0.17 -13.95
N GLY A 176 -16.02 0.83 -14.61
CA GLY A 176 -16.80 1.87 -15.24
C GLY A 176 -16.31 2.07 -16.66
N GLY A 177 -16.97 2.96 -17.39
CA GLY A 177 -16.58 3.22 -18.76
C GLY A 177 -17.79 3.29 -19.68
N SER A 178 -18.08 4.49 -20.17
CA SER A 178 -19.20 4.69 -21.07
C SER A 178 -18.76 4.13 -22.42
N SER A 179 -17.44 4.11 -22.61
CA SER A 179 -16.79 3.62 -23.82
C SER A 179 -17.42 2.31 -24.31
N ASP A 180 -17.26 2.04 -25.61
CA ASP A 180 -17.80 0.83 -26.22
C ASP A 180 -16.95 -0.39 -25.82
N VAL A 181 -15.63 -0.27 -25.97
CA VAL A 181 -14.70 -1.33 -25.60
C VAL A 181 -14.83 -1.67 -24.10
N ALA A 182 -15.27 -0.67 -23.33
CA ALA A 182 -15.42 -0.80 -21.88
C ALA A 182 -16.57 -1.66 -21.36
N GLN A 183 -17.78 -1.40 -21.83
CA GLN A 183 -18.91 -2.19 -21.35
C GLN A 183 -18.68 -3.66 -21.69
N GLU A 184 -17.87 -3.89 -22.70
CA GLU A 184 -17.56 -5.26 -23.14
C GLU A 184 -16.67 -5.94 -22.11
N LEU A 185 -15.55 -5.29 -21.81
CA LEU A 185 -14.60 -5.80 -20.84
C LEU A 185 -15.36 -6.05 -19.52
N ALA A 186 -16.27 -5.15 -19.20
CA ALA A 186 -17.04 -5.25 -17.97
C ALA A 186 -17.98 -6.45 -17.93
N ALA A 187 -18.75 -6.62 -19.00
CA ALA A 187 -19.72 -7.71 -19.09
C ALA A 187 -19.06 -9.08 -19.06
N GLU A 188 -17.80 -9.12 -19.46
CA GLU A 188 -17.08 -10.38 -19.48
C GLU A 188 -16.27 -10.74 -18.25
N GLN A 189 -15.63 -9.73 -17.64
CA GLN A 189 -14.78 -9.99 -16.50
C GLN A 189 -15.11 -9.37 -15.15
N VAL A 190 -15.88 -8.29 -15.14
CA VAL A 190 -16.17 -7.64 -13.88
C VAL A 190 -17.44 -8.07 -13.16
N ASP A 191 -17.45 -7.86 -11.84
CA ASP A 191 -18.56 -8.18 -10.95
C ASP A 191 -19.63 -7.12 -10.87
N LEU A 192 -19.21 -5.85 -10.94
CA LEU A 192 -20.16 -4.74 -10.88
C LEU A 192 -19.77 -3.59 -11.80
N TYR A 193 -20.78 -3.08 -12.51
CA TYR A 193 -20.66 -1.98 -13.46
C TYR A 193 -21.00 -0.69 -12.71
N LEU A 194 -20.10 0.27 -12.80
CA LEU A 194 -20.24 1.55 -12.10
C LEU A 194 -20.53 2.72 -13.04
N THR A 195 -21.70 3.31 -12.96
CA THR A 195 -21.93 4.41 -13.88
C THR A 195 -22.23 5.74 -13.18
N TRP A 196 -21.82 6.83 -13.84
CA TRP A 196 -22.05 8.17 -13.31
C TRP A 196 -23.55 8.34 -13.21
N GLY A 197 -23.99 9.25 -12.35
CA GLY A 197 -25.41 9.50 -12.23
C GLY A 197 -25.87 10.20 -13.50
N GLU A 198 -27.00 9.75 -14.01
CA GLU A 198 -27.58 10.34 -15.22
C GLU A 198 -29.06 10.19 -15.12
N PRO A 199 -29.83 10.93 -15.94
CA PRO A 199 -31.27 10.80 -15.85
C PRO A 199 -31.67 9.35 -16.00
N PRO A 200 -32.68 8.89 -15.24
CA PRO A 200 -33.18 7.50 -15.27
C PRO A 200 -33.10 6.86 -16.66
N GLU A 201 -33.65 7.56 -17.64
CA GLU A 201 -33.65 7.08 -19.00
C GLU A 201 -32.25 6.73 -19.47
N LEU A 202 -31.41 7.74 -19.65
CA LEU A 202 -30.06 7.50 -20.13
C LEU A 202 -29.33 6.41 -19.37
N VAL A 203 -29.74 6.14 -18.14
CA VAL A 203 -29.07 5.11 -17.36
C VAL A 203 -29.73 3.76 -17.62
N LYS A 204 -31.04 3.77 -17.82
CA LYS A 204 -31.77 2.53 -18.11
C LYS A 204 -31.06 1.90 -19.29
N GLU A 205 -30.92 2.69 -20.35
CA GLU A 205 -30.28 2.25 -21.58
C GLU A 205 -28.88 1.69 -21.36
N LYS A 206 -28.09 2.35 -20.51
CA LYS A 206 -26.72 1.90 -20.27
C LYS A 206 -26.78 0.57 -19.52
N ILE A 207 -27.75 0.46 -18.61
CA ILE A 207 -27.93 -0.78 -17.86
C ILE A 207 -28.48 -1.87 -18.77
N GLU A 208 -29.36 -1.47 -19.69
CA GLU A 208 -29.95 -2.41 -20.64
C GLU A 208 -28.85 -3.12 -21.39
N GLN A 209 -28.01 -2.33 -22.06
CA GLN A 209 -26.89 -2.86 -22.82
C GLN A 209 -26.13 -3.86 -21.96
N VAL A 210 -25.30 -3.31 -21.08
CA VAL A 210 -24.45 -4.09 -20.20
C VAL A 210 -25.09 -5.36 -19.66
N ARG A 211 -26.33 -5.28 -19.18
CA ARG A 211 -26.94 -6.51 -18.68
C ARG A 211 -27.06 -7.59 -19.76
N ALA A 212 -27.14 -7.16 -21.02
CA ALA A 212 -27.26 -8.09 -22.13
C ALA A 212 -25.89 -8.58 -22.57
N LYS A 213 -24.98 -7.63 -22.74
CA LYS A 213 -23.63 -7.94 -23.18
C LYS A 213 -22.95 -8.88 -22.21
N ALA A 214 -23.50 -8.94 -21.00
CA ALA A 214 -22.95 -9.79 -19.96
C ALA A 214 -23.55 -11.18 -20.02
N ALA A 215 -24.88 -11.23 -20.11
CA ALA A 215 -25.57 -12.51 -20.18
C ALA A 215 -25.06 -13.32 -21.37
N ALA A 216 -24.79 -12.63 -22.49
CA ALA A 216 -24.28 -13.28 -23.69
C ALA A 216 -23.03 -14.07 -23.31
N HIS A 217 -22.25 -13.55 -22.38
CA HIS A 217 -21.03 -14.21 -21.92
C HIS A 217 -21.39 -15.21 -20.81
N GLY A 218 -22.68 -15.48 -20.67
CA GLY A 218 -23.10 -16.43 -19.66
C GLY A 218 -22.80 -16.02 -18.23
N ARG A 219 -23.18 -14.79 -17.86
CA ARG A 219 -22.97 -14.29 -16.50
C ARG A 219 -23.87 -13.10 -16.15
N LYS A 220 -24.17 -12.97 -14.86
CA LYS A 220 -24.99 -11.90 -14.30
C LYS A 220 -24.04 -10.86 -13.70
N ILE A 221 -24.17 -9.61 -14.13
CA ILE A 221 -23.31 -8.55 -13.60
C ILE A 221 -24.20 -7.67 -12.72
N ARG A 222 -23.56 -6.78 -11.97
CA ARG A 222 -24.29 -5.89 -11.07
C ARG A 222 -24.04 -4.44 -11.41
N PHE A 223 -24.93 -3.56 -10.96
CA PHE A 223 -24.76 -2.15 -11.25
C PHE A 223 -24.77 -1.22 -10.04
N GLY A 224 -23.96 -0.18 -10.12
CA GLY A 224 -23.88 0.81 -9.07
C GLY A 224 -23.81 2.16 -9.76
N ILE A 225 -24.20 3.21 -9.02
CA ILE A 225 -24.21 4.56 -9.57
C ILE A 225 -23.45 5.55 -8.67
N ARG A 226 -22.58 6.34 -9.27
CA ARG A 226 -21.80 7.30 -8.52
C ARG A 226 -22.45 8.69 -8.50
N LEU A 227 -23.22 8.98 -7.44
CA LEU A 227 -23.87 10.29 -7.29
C LEU A 227 -23.26 11.12 -6.17
N HIS A 228 -23.28 12.43 -6.36
CA HIS A 228 -22.83 13.39 -5.35
C HIS A 228 -24.15 13.72 -4.67
N VAL A 229 -24.18 13.85 -3.36
CA VAL A 229 -25.46 14.16 -2.75
C VAL A 229 -25.51 15.46 -1.98
N ILE A 230 -26.71 16.03 -1.92
CA ILE A 230 -26.96 17.27 -1.22
C ILE A 230 -28.35 17.22 -0.64
N VAL A 231 -28.58 16.37 0.38
CA VAL A 231 -29.90 16.30 0.96
C VAL A 231 -29.95 17.29 2.15
N ARG A 232 -31.14 17.76 2.46
CA ARG A 232 -31.39 18.67 3.58
C ARG A 232 -32.82 18.45 4.04
N GLU A 233 -33.35 19.30 4.91
CA GLU A 233 -34.71 19.08 5.39
C GLU A 233 -35.80 19.64 4.50
N THR A 234 -35.42 20.50 3.56
CA THR A 234 -36.36 21.08 2.59
C THR A 234 -35.61 21.17 1.27
N ASN A 235 -36.34 21.29 0.16
CA ASN A 235 -35.70 21.39 -1.14
C ASN A 235 -35.06 22.77 -1.26
N ASP A 236 -35.68 23.75 -0.62
CA ASP A 236 -35.23 25.13 -0.63
C ASP A 236 -33.85 25.26 -0.03
N GLU A 237 -33.63 24.60 1.10
CA GLU A 237 -32.34 24.63 1.78
C GLU A 237 -31.37 23.83 0.91
N ALA A 238 -31.90 22.81 0.23
CA ALA A 238 -31.03 22.03 -0.62
C ALA A 238 -30.49 22.92 -1.75
N TRP A 239 -31.39 23.47 -2.56
CA TRP A 239 -30.93 24.31 -3.68
C TRP A 239 -30.04 25.41 -3.16
N GLN A 240 -30.44 25.96 -2.03
CA GLN A 240 -29.64 27.01 -1.41
C GLN A 240 -28.26 26.46 -1.16
N ALA A 241 -28.18 25.24 -0.61
CA ALA A 241 -26.85 24.64 -0.34
C ALA A 241 -26.10 24.41 -1.64
N ALA A 242 -26.82 23.94 -2.66
CA ALA A 242 -26.23 23.68 -3.98
C ALA A 242 -25.67 24.99 -4.53
N GLU A 243 -26.48 26.04 -4.45
CA GLU A 243 -26.05 27.33 -4.93
C GLU A 243 -24.82 27.77 -4.13
N ARG A 244 -24.89 27.63 -2.80
CA ARG A 244 -23.76 28.03 -1.95
C ARG A 244 -22.48 27.29 -2.40
N LEU A 245 -22.57 25.98 -2.59
CA LEU A 245 -21.40 25.22 -2.99
C LEU A 245 -20.60 25.84 -4.15
N ILE A 246 -21.29 26.36 -5.16
CA ILE A 246 -20.62 26.96 -6.33
C ILE A 246 -20.23 28.44 -6.17
N SER A 247 -20.94 29.15 -5.31
CA SER A 247 -20.73 30.58 -5.05
C SER A 247 -19.36 31.23 -5.30
N HIS A 248 -18.30 30.47 -5.45
CA HIS A 248 -17.00 31.11 -5.68
C HIS A 248 -16.40 30.93 -7.07
N LEU A 249 -17.08 30.20 -7.94
CA LEU A 249 -16.56 29.97 -9.29
C LEU A 249 -16.48 31.22 -10.17
N LEU A 283 -28.80 24.11 -14.83
CA LEU A 283 -27.85 23.04 -14.53
C LEU A 283 -28.58 21.78 -14.08
N GLU A 284 -29.89 21.89 -13.92
CA GLU A 284 -30.69 20.76 -13.47
C GLU A 284 -31.19 19.89 -14.63
N ILE A 285 -30.30 19.04 -15.14
CA ILE A 285 -30.62 18.16 -16.26
C ILE A 285 -31.75 17.16 -15.98
N SER A 286 -32.31 17.16 -14.77
CA SER A 286 -33.40 16.22 -14.48
C SER A 286 -33.89 16.42 -13.06
N PRO A 287 -35.22 16.37 -12.84
CA PRO A 287 -35.80 16.55 -11.52
C PRO A 287 -34.84 16.21 -10.37
N ASN A 288 -34.45 17.25 -9.64
CA ASN A 288 -33.54 17.11 -8.51
C ASN A 288 -32.31 16.29 -8.90
N LEU A 289 -31.68 16.67 -10.01
CA LEU A 289 -30.47 16.02 -10.49
C LEU A 289 -29.71 17.18 -11.09
N TRP A 290 -28.83 17.76 -10.26
CA TRP A 290 -28.02 18.95 -10.58
C TRP A 290 -26.62 18.69 -11.15
N ALA A 291 -26.32 19.32 -12.27
CA ALA A 291 -25.01 19.14 -12.91
C ALA A 291 -24.02 20.19 -12.46
N GLY A 292 -24.46 21.03 -11.55
CA GLY A 292 -23.60 22.10 -11.04
C GLY A 292 -22.25 21.63 -10.56
N VAL A 293 -22.22 20.49 -9.87
CA VAL A 293 -20.97 19.95 -9.35
C VAL A 293 -19.93 19.65 -10.44
N GLY A 294 -20.35 19.72 -11.69
CA GLY A 294 -19.44 19.44 -12.79
C GLY A 294 -18.66 20.61 -13.34
N LEU A 295 -18.97 21.84 -12.93
CA LEU A 295 -18.25 23.01 -13.44
C LEU A 295 -16.74 22.89 -13.39
N VAL A 296 -16.23 22.19 -12.39
CA VAL A 296 -14.79 21.99 -12.25
C VAL A 296 -14.49 20.50 -12.35
N ARG A 297 -13.33 20.16 -12.90
CA ARG A 297 -12.91 18.76 -13.03
C ARG A 297 -12.68 18.12 -11.67
N GLY A 298 -13.67 18.18 -10.80
CA GLY A 298 -13.53 17.62 -9.47
C GLY A 298 -14.66 16.70 -9.03
N GLY A 299 -14.31 15.47 -8.71
CA GLY A 299 -15.30 14.51 -8.28
C GLY A 299 -16.23 14.05 -9.39
N ALA A 300 -17.42 13.61 -9.00
CA ALA A 300 -18.42 13.14 -9.94
C ALA A 300 -19.05 14.35 -10.66
N GLY A 301 -19.85 14.08 -11.70
CA GLY A 301 -20.46 15.15 -12.45
C GLY A 301 -21.86 15.58 -12.04
N THR A 302 -22.67 14.66 -11.56
CA THR A 302 -24.03 15.03 -11.17
C THR A 302 -24.22 14.96 -9.67
N ALA A 303 -25.35 15.47 -9.18
CA ALA A 303 -25.63 15.41 -7.77
C ALA A 303 -27.10 15.52 -7.46
N LEU A 304 -27.62 14.55 -6.71
CA LEU A 304 -29.02 14.60 -6.29
C LEU A 304 -29.09 15.83 -5.37
N VAL A 305 -30.14 16.64 -5.51
CA VAL A 305 -30.27 17.86 -4.70
C VAL A 305 -31.71 18.06 -4.26
N GLY A 306 -31.99 17.85 -2.99
CA GLY A 306 -33.35 18.01 -2.51
C GLY A 306 -33.52 17.62 -1.06
N ASP A 307 -34.76 17.56 -0.56
CA ASP A 307 -34.97 17.16 0.81
C ASP A 307 -34.86 15.64 0.89
N GLY A 308 -35.23 15.08 2.03
CA GLY A 308 -35.10 13.64 2.18
C GLY A 308 -35.95 12.82 1.25
N PRO A 309 -37.25 12.67 1.54
CA PRO A 309 -38.22 11.91 0.75
C PRO A 309 -38.03 12.06 -0.75
N THR A 310 -37.56 13.22 -1.20
CA THR A 310 -37.36 13.41 -2.62
C THR A 310 -36.15 12.59 -3.04
N VAL A 311 -34.98 12.98 -2.54
CA VAL A 311 -33.73 12.27 -2.85
C VAL A 311 -33.87 10.76 -2.64
N ALA A 312 -34.59 10.37 -1.60
CA ALA A 312 -34.83 8.95 -1.37
C ALA A 312 -35.52 8.42 -2.65
N ALA A 313 -36.64 9.05 -2.99
CA ALA A 313 -37.43 8.68 -4.16
C ALA A 313 -36.55 8.48 -5.38
N ARG A 314 -35.77 9.48 -5.75
CA ARG A 314 -34.88 9.33 -6.92
C ARG A 314 -33.89 8.18 -6.70
N ILE A 315 -33.45 7.99 -5.46
CA ILE A 315 -32.55 6.89 -5.17
C ILE A 315 -33.31 5.61 -5.50
N ASN A 316 -34.57 5.57 -5.12
CA ASN A 316 -35.41 4.39 -5.37
C ASN A 316 -35.70 4.12 -6.85
N GLU A 317 -35.79 5.16 -7.67
CA GLU A 317 -36.02 4.98 -9.10
C GLU A 317 -34.86 4.15 -9.56
N TYR A 318 -33.67 4.70 -9.35
CA TYR A 318 -32.43 4.04 -9.70
C TYR A 318 -32.41 2.62 -9.21
N ALA A 319 -32.76 2.44 -7.96
CA ALA A 319 -32.80 1.10 -7.39
C ALA A 319 -33.60 0.20 -8.34
N ALA A 320 -34.86 0.58 -8.57
CA ALA A 320 -35.76 -0.17 -9.45
C ALA A 320 -35.10 -0.64 -10.75
N LEU A 321 -34.37 0.25 -11.41
CA LEU A 321 -33.70 -0.15 -12.64
C LEU A 321 -32.93 -1.44 -12.45
N GLY A 322 -32.36 -1.62 -11.25
CA GLY A 322 -31.58 -2.81 -10.97
C GLY A 322 -30.20 -2.42 -10.43
N ILE A 323 -30.14 -1.31 -9.71
CA ILE A 323 -28.90 -0.81 -9.13
C ILE A 323 -28.97 -1.09 -7.64
N ASP A 324 -28.08 -1.94 -7.14
CA ASP A 324 -28.08 -2.26 -5.71
C ASP A 324 -27.05 -1.47 -4.86
N SER A 325 -26.12 -0.79 -5.53
CA SER A 325 -25.06 -0.04 -4.90
C SER A 325 -25.00 1.45 -5.31
N PHE A 326 -24.90 2.33 -4.32
CA PHE A 326 -24.84 3.78 -4.52
C PHE A 326 -23.60 4.36 -3.82
N VAL A 327 -22.73 4.96 -4.60
CA VAL A 327 -21.48 5.55 -4.09
C VAL A 327 -21.66 7.06 -3.99
N LEU A 328 -22.16 7.52 -2.82
CA LEU A 328 -22.42 8.92 -2.59
C LEU A 328 -21.21 9.74 -2.12
N SER A 329 -21.37 11.06 -2.06
CA SER A 329 -20.31 12.00 -1.64
C SER A 329 -20.85 13.41 -1.43
N GLY A 330 -20.01 14.30 -0.89
CA GLY A 330 -20.45 15.64 -0.60
C GLY A 330 -19.37 16.53 0.02
N TYR A 331 -19.73 17.78 0.24
CA TYR A 331 -18.75 18.74 0.77
C TYR A 331 -19.26 19.45 1.99
N PRO A 332 -18.50 19.39 3.10
CA PRO A 332 -17.23 18.64 3.16
C PRO A 332 -17.65 17.19 3.42
N HIS A 333 -16.77 16.25 3.11
CA HIS A 333 -17.12 14.85 3.23
C HIS A 333 -17.36 14.18 4.58
N LEU A 334 -17.13 14.88 5.68
CA LEU A 334 -17.34 14.29 7.00
C LEU A 334 -18.72 14.71 7.47
N GLU A 335 -18.97 16.02 7.45
CA GLU A 335 -20.27 16.52 7.87
C GLU A 335 -21.33 15.92 6.93
N GLU A 336 -21.00 15.80 5.65
CA GLU A 336 -22.02 15.25 4.73
C GLU A 336 -22.42 13.80 4.91
N ALA A 337 -21.47 12.97 5.32
CA ALA A 337 -21.70 11.53 5.55
C ALA A 337 -22.67 11.46 6.67
N TYR A 338 -22.57 12.40 7.59
CA TYR A 338 -23.56 12.39 8.66
C TYR A 338 -24.91 12.86 8.07
N ARG A 339 -24.87 13.83 7.16
CA ARG A 339 -26.12 14.34 6.55
C ARG A 339 -26.90 13.24 5.80
N VAL A 340 -26.21 12.53 4.93
CA VAL A 340 -26.82 11.44 4.18
C VAL A 340 -27.17 10.25 5.05
N GLY A 341 -26.53 10.12 6.22
CA GLY A 341 -26.84 8.95 7.05
C GLY A 341 -27.98 9.22 8.01
N GLU A 342 -28.24 10.50 8.23
CA GLU A 342 -29.30 10.89 9.14
C GLU A 342 -30.60 11.28 8.42
N LEU A 343 -30.51 12.00 7.31
CA LEU A 343 -31.70 12.40 6.57
C LEU A 343 -32.16 11.38 5.53
N LEU A 344 -31.21 10.71 4.89
CA LEU A 344 -31.53 9.74 3.85
C LEU A 344 -31.70 8.28 4.30
N PHE A 345 -30.69 7.67 4.92
CA PHE A 345 -30.82 6.26 5.34
C PHE A 345 -32.19 5.93 5.92
N PRO A 346 -32.66 6.72 6.88
CA PRO A 346 -33.99 6.41 7.45
C PRO A 346 -35.08 6.20 6.41
N LEU A 347 -35.00 6.88 5.27
CA LEU A 347 -36.02 6.74 4.22
C LEU A 347 -35.70 5.60 3.24
N LEU A 348 -34.61 4.87 3.49
CA LEU A 348 -34.20 3.78 2.59
C LEU A 348 -34.01 2.42 3.23
N ASP A 349 -34.00 1.40 2.37
CA ASP A 349 -33.80 0.03 2.81
C ASP A 349 -32.31 -0.17 2.59
N VAL A 350 -31.54 0.12 3.64
CA VAL A 350 -30.09 0.03 3.58
C VAL A 350 -29.55 -1.34 3.99
N ALA A 351 -28.51 -1.77 3.30
CA ALA A 351 -27.94 -3.05 3.68
C ALA A 351 -26.97 -2.68 4.79
N ILE A 352 -27.21 -3.22 5.97
CA ILE A 352 -26.34 -2.96 7.12
C ILE A 352 -25.13 -3.88 7.01
N PRO A 353 -23.93 -3.31 6.83
CA PRO A 353 -22.72 -4.14 6.73
C PRO A 353 -22.53 -4.82 8.09
N GLU A 354 -21.85 -5.95 8.14
CA GLU A 354 -21.64 -6.58 9.45
C GLU A 354 -20.16 -6.76 9.69
N ILE A 355 -19.78 -6.92 10.94
CA ILE A 355 -18.38 -7.13 11.21
C ILE A 355 -18.05 -8.59 11.04
N PRO A 356 -17.07 -8.90 10.19
CA PRO A 356 -16.68 -10.29 9.98
C PRO A 356 -15.96 -10.83 11.21
N GLN A 357 -16.34 -12.04 11.63
CA GLN A 357 -15.72 -12.72 12.78
C GLN A 357 -14.34 -13.00 12.31
N PRO A 358 -13.34 -12.88 13.20
CA PRO A 358 -11.93 -13.10 12.94
C PRO A 358 -11.71 -14.52 12.41
N GLN A 359 -10.76 -14.66 11.49
CA GLN A 359 -10.48 -15.99 10.95
C GLN A 359 -9.94 -16.85 12.10
N PRO A 360 -10.40 -18.11 12.17
CA PRO A 360 -9.96 -19.08 13.19
C PRO A 360 -8.43 -19.19 13.18
N LEU A 361 -7.82 -19.34 14.36
CA LEU A 361 -6.37 -19.42 14.41
C LEU A 361 -5.80 -20.82 14.26
N SER B 1 24.85 7.41 19.41
CA SER B 1 23.68 6.54 19.78
C SER B 1 23.30 5.63 18.64
N LEU B 2 22.87 4.42 18.98
CA LEU B 2 22.51 3.41 18.00
C LEU B 2 21.02 3.30 17.69
N ASN B 3 20.75 3.05 16.41
CA ASN B 3 19.40 2.95 15.91
C ASN B 3 19.08 1.49 15.79
N MET B 4 18.22 1.05 16.70
CA MET B 4 17.81 -0.34 16.83
C MET B 4 16.50 -0.63 16.14
N PHE B 5 16.52 -1.55 15.19
CA PHE B 5 15.35 -1.91 14.39
C PHE B 5 14.96 -3.32 14.69
N TRP B 6 13.67 -3.60 14.62
CA TRP B 6 13.24 -4.97 14.79
C TRP B 6 12.81 -5.43 13.40
N PHE B 7 11.94 -6.43 13.33
CA PHE B 7 11.58 -6.99 12.03
C PHE B 7 10.12 -7.48 12.00
N LEU B 8 9.43 -7.32 10.87
CA LEU B 8 8.06 -7.81 10.79
C LEU B 8 8.12 -9.08 9.92
N PRO B 9 7.95 -10.27 10.53
CA PRO B 9 7.97 -11.63 9.97
C PRO B 9 6.78 -11.96 9.13
N THR B 10 6.56 -11.17 8.09
CA THR B 10 5.40 -11.36 7.25
C THR B 10 5.46 -12.57 6.32
N HIS B 11 6.46 -13.42 6.49
CA HIS B 11 6.57 -14.63 5.69
C HIS B 11 6.16 -15.78 6.61
N GLY B 12 6.12 -15.48 7.91
CA GLY B 12 5.73 -16.50 8.88
C GLY B 12 6.58 -16.42 10.12
N ASP B 13 6.18 -17.10 11.19
CA ASP B 13 6.99 -17.00 12.41
C ASP B 13 6.85 -18.28 13.20
N GLY B 14 7.60 -18.37 14.29
CA GLY B 14 7.50 -19.56 15.11
C GLY B 14 8.65 -19.72 16.08
N HIS B 15 8.61 -20.84 16.79
CA HIS B 15 9.59 -21.22 17.80
C HIS B 15 10.75 -22.04 17.26
N TYR B 16 10.51 -22.72 16.14
CA TYR B 16 11.50 -23.59 15.52
C TYR B 16 11.70 -23.31 14.04
N LEU B 17 12.96 -23.42 13.60
CA LEU B 17 13.31 -23.21 12.21
C LEU B 17 13.13 -24.52 11.45
N GLY B 18 12.62 -24.41 10.23
CA GLY B 18 12.40 -25.58 9.39
C GLY B 18 11.41 -26.58 9.94
N THR B 19 10.14 -26.21 9.94
CA THR B 19 9.04 -27.06 10.40
C THR B 19 7.85 -26.25 10.84
N GLU B 20 6.69 -26.87 10.80
CA GLU B 20 5.41 -26.26 11.18
C GLU B 20 5.15 -26.55 12.65
N GLU B 21 6.09 -27.18 13.31
CA GLU B 21 5.94 -27.46 14.73
C GLU B 21 6.20 -26.12 15.41
N GLY B 22 5.39 -25.80 16.42
CA GLY B 22 5.60 -24.53 17.11
C GLY B 22 5.35 -23.31 16.23
N SER B 23 4.89 -23.55 15.00
CA SER B 23 4.60 -22.46 14.10
C SER B 23 3.67 -21.44 14.76
N ARG B 24 3.62 -20.24 14.20
CA ARG B 24 2.77 -19.18 14.72
C ARG B 24 2.10 -18.45 13.57
N PRO B 25 0.77 -18.53 13.49
CA PRO B 25 0.04 -17.86 12.41
C PRO B 25 0.37 -16.38 12.39
N VAL B 26 0.49 -15.81 11.20
CA VAL B 26 0.80 -14.39 11.06
C VAL B 26 -0.32 -13.66 10.38
N ASP B 27 -0.94 -12.69 11.08
CA ASP B 27 -2.00 -11.87 10.53
C ASP B 27 -1.76 -10.42 10.93
N HIS B 28 -2.68 -9.51 10.61
CA HIS B 28 -2.49 -8.11 10.94
C HIS B 28 -2.50 -7.84 12.43
N GLY B 29 -3.25 -8.66 13.16
CA GLY B 29 -3.34 -8.55 14.59
C GLY B 29 -2.03 -8.91 15.30
N TYR B 30 -1.31 -9.86 14.74
CA TYR B 30 -0.02 -10.30 15.33
C TYR B 30 1.06 -9.33 14.85
N LEU B 31 0.98 -9.03 13.57
CA LEU B 31 1.93 -8.07 13.01
C LEU B 31 1.82 -6.77 13.77
N GLN B 32 0.62 -6.40 14.25
CA GLN B 32 0.44 -5.17 15.02
C GLN B 32 0.91 -5.30 16.46
N GLN B 33 0.95 -6.54 16.93
CA GLN B 33 1.45 -6.82 18.26
C GLN B 33 2.93 -6.54 18.29
N ILE B 34 3.63 -6.92 17.23
CA ILE B 34 5.09 -6.71 17.15
C ILE B 34 5.44 -5.24 16.90
N ALA B 35 4.74 -4.60 15.97
CA ALA B 35 5.01 -3.21 15.67
C ALA B 35 4.80 -2.35 16.89
N GLN B 36 3.74 -2.65 17.62
CA GLN B 36 3.47 -1.88 18.83
C GLN B 36 4.46 -2.25 19.91
N ALA B 37 4.90 -3.50 19.95
CA ALA B 37 5.87 -3.86 20.98
C ALA B 37 7.11 -2.99 20.71
N ALA B 38 7.48 -2.93 19.44
CA ALA B 38 8.67 -2.15 18.99
C ALA B 38 8.55 -0.65 19.25
N ASP B 39 7.36 -0.12 19.00
CA ASP B 39 7.09 1.29 19.25
C ASP B 39 7.25 1.56 20.74
N ARG B 40 6.69 0.65 21.54
CA ARG B 40 6.71 0.79 22.99
C ARG B 40 8.13 0.63 23.58
N LEU B 41 8.93 -0.27 23.04
CA LEU B 41 10.26 -0.53 23.60
C LEU B 41 11.45 0.38 23.21
N GLY B 42 11.34 1.19 22.16
CA GLY B 42 12.46 2.07 21.86
C GLY B 42 13.16 1.87 20.53
N TYR B 43 12.68 0.89 19.76
CA TYR B 43 13.23 0.61 18.46
C TYR B 43 12.92 1.77 17.55
N THR B 44 13.91 2.12 16.74
CA THR B 44 13.80 3.22 15.84
C THR B 44 12.88 2.80 14.75
N GLY B 45 12.95 1.53 14.39
CA GLY B 45 12.12 1.10 13.30
C GLY B 45 11.99 -0.37 13.19
N VAL B 46 11.32 -0.76 12.12
CA VAL B 46 11.09 -2.16 11.91
C VAL B 46 11.33 -2.45 10.41
N LEU B 47 12.11 -3.49 10.07
CA LEU B 47 12.33 -3.79 8.65
C LEU B 47 11.16 -4.65 8.20
N ILE B 48 10.50 -4.25 7.13
CA ILE B 48 9.36 -5.04 6.61
C ILE B 48 9.88 -5.56 5.28
N PRO B 49 10.03 -6.89 5.16
CA PRO B 49 10.53 -7.63 3.98
C PRO B 49 9.76 -7.70 2.66
N THR B 50 10.50 -8.03 1.61
CA THR B 50 9.96 -8.13 0.25
C THR B 50 10.17 -9.56 -0.29
N GLY B 51 9.35 -9.95 -1.26
CA GLY B 51 9.46 -11.28 -1.82
C GLY B 51 8.06 -11.80 -1.95
N ARG B 52 7.81 -12.67 -2.93
CA ARG B 52 6.45 -13.18 -3.12
C ARG B 52 5.93 -14.14 -2.07
N SER B 53 6.73 -14.40 -1.04
CA SER B 53 6.29 -15.28 0.04
C SER B 53 5.85 -14.42 1.23
N CYS B 54 5.99 -13.10 1.08
CA CYS B 54 5.63 -12.13 2.12
C CYS B 54 4.39 -11.29 1.80
N GLU B 55 3.60 -10.97 2.84
CA GLU B 55 2.43 -10.09 2.67
C GLU B 55 3.11 -8.84 2.10
N ASP B 56 2.43 -8.09 1.23
CA ASP B 56 3.03 -6.87 0.67
C ASP B 56 3.39 -5.89 1.78
N ALA B 57 4.65 -5.47 1.79
CA ALA B 57 5.16 -4.57 2.78
C ALA B 57 4.61 -3.15 2.85
N TRP B 58 4.23 -2.57 1.73
CA TRP B 58 3.68 -1.20 1.81
C TRP B 58 2.37 -1.26 2.59
N LEU B 59 1.56 -2.24 2.25
CA LEU B 59 0.28 -2.45 2.89
C LEU B 59 0.41 -2.71 4.37
N VAL B 60 1.30 -3.61 4.74
CA VAL B 60 1.59 -3.94 6.12
C VAL B 60 2.09 -2.74 6.88
N ALA B 61 2.97 -1.96 6.25
CA ALA B 61 3.53 -0.77 6.90
C ALA B 61 2.44 0.28 7.11
N ALA B 62 1.67 0.58 6.05
CA ALA B 62 0.62 1.58 6.13
C ALA B 62 -0.50 1.19 7.11
N SER B 63 -0.69 -0.10 7.33
CA SER B 63 -1.77 -0.51 8.26
C SER B 63 -1.33 -0.43 9.72
N MET B 64 -0.09 0.00 9.96
CA MET B 64 0.43 0.10 11.32
C MET B 64 0.53 1.57 11.68
N ILE B 65 0.05 2.40 10.79
CA ILE B 65 0.14 3.81 11.01
C ILE B 65 -0.70 4.38 12.11
N PRO B 66 -2.01 4.14 12.11
CA PRO B 66 -2.69 4.78 13.24
C PRO B 66 -2.44 4.08 14.55
N VAL B 67 -1.78 2.94 14.50
CA VAL B 67 -1.53 2.26 15.75
C VAL B 67 -0.17 2.41 16.40
N THR B 68 0.75 3.14 15.75
CA THR B 68 2.08 3.38 16.36
C THR B 68 2.25 4.90 16.33
N GLN B 69 3.22 5.44 17.08
CA GLN B 69 3.39 6.89 17.15
C GLN B 69 4.77 7.42 16.73
N ARG B 70 5.83 6.62 17.00
CA ARG B 70 7.18 7.01 16.64
C ARG B 70 7.99 5.97 15.82
N LEU B 71 7.53 4.74 15.75
CA LEU B 71 8.26 3.70 14.98
C LEU B 71 8.28 4.10 13.54
N LYS B 72 9.39 3.78 12.89
CA LYS B 72 9.57 4.04 11.48
C LYS B 72 9.45 2.70 10.79
N PHE B 73 9.02 2.72 9.53
CA PHE B 73 8.83 1.48 8.78
C PHE B 73 9.79 1.45 7.62
N LEU B 74 10.64 0.43 7.60
CA LEU B 74 11.62 0.32 6.53
C LEU B 74 11.03 -0.59 5.48
N VAL B 75 10.42 -0.01 4.47
CA VAL B 75 9.81 -0.84 3.45
C VAL B 75 10.79 -1.19 2.34
N ALA B 76 10.89 -2.48 2.05
CA ALA B 76 11.77 -3.00 1.01
C ALA B 76 11.12 -2.65 -0.32
N LEU B 77 11.91 -2.12 -1.24
CA LEU B 77 11.42 -1.68 -2.54
C LEU B 77 12.21 -2.36 -3.67
N ARG B 78 11.54 -3.15 -4.51
CA ARG B 78 12.24 -3.79 -5.63
C ARG B 78 12.07 -2.89 -6.83
N PRO B 79 13.12 -2.14 -7.20
CA PRO B 79 13.06 -1.22 -8.35
C PRO B 79 12.43 -1.79 -9.59
N SER B 80 13.15 -2.69 -10.23
CA SER B 80 12.74 -3.34 -11.47
C SER B 80 11.27 -3.66 -11.71
N VAL B 81 10.56 -4.11 -10.67
CA VAL B 81 9.17 -4.48 -10.86
C VAL B 81 8.06 -3.42 -10.78
N THR B 82 8.41 -2.16 -10.50
CA THR B 82 7.38 -1.12 -10.46
C THR B 82 7.89 0.19 -11.04
N SER B 83 6.96 1.01 -11.50
CA SER B 83 7.31 2.30 -12.08
C SER B 83 7.89 3.19 -10.99
N PRO B 84 8.91 3.97 -11.33
CA PRO B 84 9.56 4.89 -10.37
C PRO B 84 8.63 6.03 -9.98
N THR B 85 7.71 6.38 -10.87
CA THR B 85 6.78 7.46 -10.61
C THR B 85 5.79 7.04 -9.53
N VAL B 86 5.19 5.87 -9.74
CA VAL B 86 4.24 5.28 -8.82
C VAL B 86 4.94 5.17 -7.47
N ALA B 87 6.07 4.47 -7.48
CA ALA B 87 6.88 4.27 -6.29
C ALA B 87 7.22 5.56 -5.59
N ALA B 88 7.21 6.67 -6.32
CA ALA B 88 7.49 7.96 -5.68
C ALA B 88 6.23 8.56 -5.09
N ARG B 89 5.07 8.19 -5.63
CA ARG B 89 3.81 8.70 -5.08
C ARG B 89 3.47 7.87 -3.83
N GLN B 90 3.75 6.57 -3.87
CA GLN B 90 3.44 5.70 -2.73
C GLN B 90 4.35 6.05 -1.54
N ALA B 91 5.62 6.31 -1.84
CA ALA B 91 6.59 6.70 -0.84
C ALA B 91 6.19 8.03 -0.25
N ALA B 92 5.61 8.90 -1.06
CA ALA B 92 5.20 10.22 -0.59
C ALA B 92 4.02 10.09 0.33
N THR B 93 3.07 9.26 -0.06
CA THR B 93 1.89 9.07 0.75
C THR B 93 2.23 8.40 2.08
N LEU B 94 3.14 7.42 2.06
CA LEU B 94 3.54 6.71 3.29
C LEU B 94 4.16 7.64 4.32
N ASP B 95 4.96 8.58 3.82
CA ASP B 95 5.68 9.51 4.66
C ASP B 95 4.73 10.53 5.22
N ARG B 96 3.80 10.99 4.38
CA ARG B 96 2.80 11.94 4.83
C ARG B 96 1.87 11.28 5.83
N LEU B 97 1.25 10.18 5.43
CA LEU B 97 0.29 9.52 6.34
C LEU B 97 0.88 9.18 7.70
N SER B 98 2.17 8.88 7.76
CA SER B 98 2.77 8.51 9.03
C SER B 98 3.46 9.71 9.68
N ASN B 99 3.46 10.84 9.00
CA ASN B 99 4.07 12.05 9.53
C ASN B 99 5.58 11.95 9.63
N GLY B 100 6.22 11.49 8.54
CA GLY B 100 7.68 11.38 8.50
C GLY B 100 8.31 10.11 9.04
N ARG B 101 7.63 8.97 8.90
CA ARG B 101 8.15 7.71 9.43
C ARG B 101 8.41 6.69 8.35
N ALA B 102 8.44 7.14 7.11
CA ALA B 102 8.70 6.22 6.02
C ALA B 102 10.19 6.13 5.82
N LEU B 103 10.66 4.94 5.47
CA LEU B 103 12.09 4.69 5.24
C LEU B 103 12.02 3.66 4.13
N PHE B 104 12.90 3.75 3.14
CA PHE B 104 12.84 2.78 2.05
C PHE B 104 14.15 2.05 1.88
N ASN B 105 14.05 0.77 1.54
CA ASN B 105 15.21 -0.07 1.40
C ASN B 105 15.19 -0.64 0.00
N LEU B 106 16.19 -0.28 -0.80
CA LEU B 106 16.25 -0.75 -2.17
C LEU B 106 16.71 -2.19 -2.22
N VAL B 107 16.01 -2.97 -3.04
CA VAL B 107 16.33 -4.37 -3.22
C VAL B 107 16.23 -4.71 -4.70
N THR B 108 17.07 -5.64 -5.14
CA THR B 108 17.09 -6.10 -6.53
C THR B 108 17.00 -7.62 -6.46
N GLY B 109 17.81 -8.19 -5.56
CA GLY B 109 17.84 -9.61 -5.34
C GLY B 109 18.15 -10.51 -6.52
N SER B 110 19.14 -11.38 -6.32
CA SER B 110 19.55 -12.32 -7.36
C SER B 110 18.52 -13.45 -7.43
N ASP B 111 18.86 -14.60 -6.83
CA ASP B 111 17.95 -15.76 -6.84
C ASP B 111 16.74 -15.51 -5.91
N PRO B 112 15.55 -15.99 -6.31
CA PRO B 112 15.32 -16.72 -7.56
C PRO B 112 15.07 -15.83 -8.77
N GLN B 113 14.56 -16.45 -9.83
CA GLN B 113 14.25 -15.74 -11.05
C GLN B 113 12.79 -15.32 -10.91
N GLU B 114 12.37 -15.12 -9.67
CA GLU B 114 11.00 -14.70 -9.33
C GLU B 114 10.57 -13.53 -10.18
N LEU B 115 11.54 -12.76 -10.66
CA LEU B 115 11.26 -11.61 -11.49
C LEU B 115 10.35 -12.05 -12.62
N ALA B 116 10.64 -13.22 -13.19
CA ALA B 116 9.83 -13.73 -14.28
C ALA B 116 8.38 -13.74 -13.87
N GLY B 117 8.12 -14.33 -12.70
CA GLY B 117 6.75 -14.41 -12.20
C GLY B 117 6.05 -13.06 -12.17
N ASP B 118 6.82 -11.99 -12.24
CA ASP B 118 6.32 -10.62 -12.20
C ASP B 118 6.54 -9.84 -13.51
N GLY B 119 6.75 -10.55 -14.61
CA GLY B 119 6.96 -9.91 -15.90
C GLY B 119 8.25 -9.11 -16.05
N VAL B 120 9.33 -9.61 -15.43
CA VAL B 120 10.63 -8.95 -15.51
C VAL B 120 11.65 -9.99 -15.93
N PHE B 121 12.40 -9.73 -17.00
CA PHE B 121 13.39 -10.70 -17.47
C PHE B 121 14.77 -10.13 -17.75
N LEU B 122 15.10 -8.99 -17.16
CA LEU B 122 16.41 -8.38 -17.39
C LEU B 122 17.57 -9.22 -16.88
N ASP B 123 18.74 -9.04 -17.50
CA ASP B 123 19.95 -9.78 -17.12
C ASP B 123 20.43 -9.22 -15.79
N HIS B 124 21.28 -9.98 -15.11
CA HIS B 124 21.82 -9.54 -13.84
C HIS B 124 22.37 -8.13 -14.03
N SER B 125 22.90 -7.88 -15.24
CA SER B 125 23.47 -6.59 -15.59
C SER B 125 22.40 -5.56 -15.93
N GLU B 126 21.28 -6.02 -16.44
CA GLU B 126 20.19 -5.12 -16.82
C GLU B 126 19.37 -4.65 -15.63
N ARG B 127 19.16 -5.53 -14.66
CA ARG B 127 18.39 -5.15 -13.49
C ARG B 127 19.22 -4.13 -12.70
N TYR B 128 20.50 -4.42 -12.51
CA TYR B 128 21.34 -3.49 -11.76
C TYR B 128 21.48 -2.15 -12.44
N GLU B 129 21.30 -2.11 -13.76
CA GLU B 129 21.37 -0.81 -14.41
C GLU B 129 19.99 -0.15 -14.45
N ALA B 130 18.92 -0.96 -14.37
CA ALA B 130 17.55 -0.43 -14.36
C ALA B 130 17.26 0.11 -12.97
N SER B 131 17.86 -0.55 -11.98
CA SER B 131 17.70 -0.20 -10.60
C SER B 131 18.26 1.19 -10.45
N ALA B 132 19.45 1.38 -11.04
CA ALA B 132 20.14 2.66 -11.01
C ALA B 132 19.33 3.77 -11.71
N GLU B 133 18.67 3.43 -12.80
CA GLU B 133 17.85 4.42 -13.52
C GLU B 133 16.60 4.72 -12.70
N PHE B 134 16.04 3.68 -12.10
CA PHE B 134 14.84 3.78 -11.27
C PHE B 134 15.07 4.80 -10.13
N THR B 135 16.06 4.54 -9.28
CA THR B 135 16.27 5.41 -8.13
C THR B 135 16.79 6.80 -8.44
N GLN B 136 17.22 7.03 -9.68
CA GLN B 136 17.71 8.34 -10.09
C GLN B 136 16.48 9.22 -10.32
N VAL B 137 15.47 8.62 -10.92
CA VAL B 137 14.23 9.31 -11.21
C VAL B 137 13.55 9.52 -9.86
N TRP B 138 13.48 8.45 -9.09
CA TRP B 138 12.87 8.46 -7.77
C TRP B 138 13.48 9.55 -6.91
N ARG B 139 14.82 9.58 -6.85
CA ARG B 139 15.49 10.60 -6.06
C ARG B 139 15.12 11.97 -6.61
N ARG B 140 15.05 12.10 -7.94
CA ARG B 140 14.68 13.40 -8.52
C ARG B 140 13.20 13.76 -8.30
N LEU B 141 12.29 12.83 -8.56
CA LEU B 141 10.86 13.12 -8.36
C LEU B 141 10.52 13.57 -6.92
N LEU B 142 11.22 12.99 -5.94
CA LEU B 142 10.96 13.34 -4.53
C LEU B 142 11.57 14.67 -4.13
N GLN B 143 12.16 15.36 -5.09
CA GLN B 143 12.76 16.66 -4.81
C GLN B 143 12.09 17.75 -5.64
N ARG B 144 10.85 17.48 -6.05
CA ARG B 144 10.02 18.43 -6.80
C ARG B 144 10.34 18.61 -8.29
N GLU B 145 11.35 17.90 -8.79
CA GLU B 145 11.75 18.01 -10.18
C GLU B 145 10.75 17.39 -11.15
N THR B 146 10.40 18.14 -12.20
CA THR B 146 9.50 17.58 -13.21
C THR B 146 10.52 16.73 -13.97
N VAL B 147 10.24 15.45 -14.19
CA VAL B 147 11.27 14.64 -14.83
C VAL B 147 10.94 13.99 -16.17
N ASP B 148 11.75 14.33 -17.18
CA ASP B 148 11.66 13.78 -18.53
C ASP B 148 12.87 12.85 -18.58
N PHE B 149 12.65 11.56 -18.80
CA PHE B 149 13.75 10.60 -18.78
C PHE B 149 13.47 9.38 -19.63
N ASN B 150 14.49 8.92 -20.34
CA ASN B 150 14.34 7.78 -21.23
C ASN B 150 15.68 7.14 -21.54
N GLY B 151 16.11 6.27 -20.64
CA GLY B 151 17.37 5.59 -20.84
C GLY B 151 17.09 4.20 -21.33
N LYS B 152 18.02 3.29 -21.07
CA LYS B 152 17.89 1.92 -21.49
C LYS B 152 16.57 1.29 -21.05
N HIS B 153 16.38 1.19 -19.74
CA HIS B 153 15.21 0.55 -19.15
C HIS B 153 14.04 1.42 -18.71
N ILE B 154 14.31 2.57 -18.14
CA ILE B 154 13.23 3.46 -17.70
C ILE B 154 12.90 4.52 -18.72
N HIS B 155 11.61 4.89 -18.81
CA HIS B 155 11.17 5.89 -19.76
C HIS B 155 9.90 6.61 -19.24
N VAL B 156 10.06 7.88 -18.87
CA VAL B 156 8.94 8.70 -18.35
C VAL B 156 8.95 10.10 -18.97
N ARG B 157 7.78 10.76 -18.98
CA ARG B 157 7.67 12.10 -19.55
C ARG B 157 6.80 13.02 -18.70
N GLY B 158 7.34 14.20 -18.37
CA GLY B 158 6.60 15.15 -17.55
C GLY B 158 6.20 14.60 -16.19
N ALA B 159 7.02 13.68 -15.68
CA ALA B 159 6.79 13.04 -14.38
C ALA B 159 6.85 14.03 -13.23
N LYS B 160 5.71 14.34 -12.60
CA LYS B 160 5.72 15.28 -11.49
C LYS B 160 4.89 14.86 -10.27
N LEU B 161 5.35 15.23 -9.07
CA LEU B 161 4.62 14.89 -7.86
C LEU B 161 3.82 16.05 -7.34
N LEU B 162 2.51 15.83 -7.18
CA LEU B 162 1.64 16.87 -6.70
C LEU B 162 1.75 17.16 -5.21
N PHE B 163 2.11 16.15 -4.41
CA PHE B 163 2.31 16.33 -2.96
C PHE B 163 3.67 15.74 -2.61
N PRO B 164 4.48 16.49 -1.85
CA PRO B 164 5.82 16.05 -1.45
C PRO B 164 5.86 15.20 -0.18
N ALA B 165 6.93 14.43 -0.03
CA ALA B 165 7.11 13.61 1.17
C ALA B 165 7.35 14.64 2.27
N ILE B 166 7.62 14.19 3.49
CA ILE B 166 7.85 15.13 4.57
C ILE B 166 9.31 15.18 4.95
N GLN B 167 9.95 14.02 5.01
CA GLN B 167 11.39 14.00 5.30
C GLN B 167 12.10 14.63 4.11
N GLN B 168 13.23 15.28 4.35
CA GLN B 168 13.99 15.94 3.28
C GLN B 168 15.46 15.56 3.21
N PRO B 169 16.05 15.51 2.00
CA PRO B 169 15.46 15.79 0.68
C PRO B 169 14.37 14.81 0.30
N TYR B 170 14.42 13.63 0.90
CA TYR B 170 13.47 12.59 0.62
C TYR B 170 13.54 11.60 1.77
N PRO B 171 12.56 10.69 1.88
CA PRO B 171 12.65 9.74 2.99
C PRO B 171 13.96 9.00 2.79
N PRO B 172 14.72 8.74 3.85
CA PRO B 172 16.00 8.05 3.65
C PRO B 172 15.92 6.81 2.81
N LEU B 173 17.05 6.51 2.17
CA LEU B 173 17.20 5.38 1.27
C LEU B 173 18.26 4.39 1.79
N TYR B 174 17.90 3.12 1.89
CA TYR B 174 18.82 2.11 2.37
C TYR B 174 19.06 1.10 1.26
N PHE B 175 20.21 0.45 1.28
CA PHE B 175 20.55 -0.53 0.26
C PHE B 175 21.26 -1.72 0.87
N GLY B 176 20.73 -2.92 0.65
CA GLY B 176 21.35 -4.11 1.20
C GLY B 176 22.17 -4.96 0.23
N GLY B 177 22.68 -6.08 0.75
CA GLY B 177 23.46 -7.00 -0.06
C GLY B 177 24.98 -6.92 0.07
N SER B 178 25.62 -6.86 -1.10
CA SER B 178 27.07 -6.76 -1.19
C SER B 178 27.48 -6.74 -2.66
N SER B 179 27.48 -7.91 -3.29
CA SER B 179 27.88 -8.01 -4.70
C SER B 179 29.05 -7.09 -4.91
N ASP B 180 29.13 -6.54 -6.11
CA ASP B 180 30.19 -5.62 -6.44
C ASP B 180 29.52 -4.42 -7.07
N VAL B 181 28.96 -4.63 -8.27
CA VAL B 181 28.27 -3.56 -8.97
C VAL B 181 27.16 -2.99 -8.07
N ALA B 182 26.67 -3.82 -7.15
CA ALA B 182 25.62 -3.39 -6.22
C ALA B 182 26.13 -2.21 -5.41
N GLN B 183 27.29 -2.39 -4.79
CA GLN B 183 27.90 -1.35 -3.97
C GLN B 183 27.96 0.01 -4.66
N GLU B 184 28.08 0.01 -5.99
CA GLU B 184 28.15 1.25 -6.75
C GLU B 184 26.82 2.03 -6.77
N LEU B 185 25.74 1.36 -7.12
CA LEU B 185 24.44 2.01 -7.18
C LEU B 185 24.15 2.68 -5.83
N ALA B 186 24.77 2.13 -4.79
CA ALA B 186 24.62 2.62 -3.43
C ALA B 186 25.51 3.81 -3.14
N ALA B 187 26.82 3.62 -3.30
CA ALA B 187 27.81 4.67 -3.07
C ALA B 187 27.45 5.94 -3.83
N GLU B 188 26.72 5.79 -4.92
CA GLU B 188 26.32 6.95 -5.71
C GLU B 188 24.92 7.48 -5.41
N GLN B 189 24.08 6.68 -4.78
CA GLN B 189 22.71 7.16 -4.52
C GLN B 189 22.04 6.98 -3.15
N VAL B 190 22.44 5.98 -2.38
CA VAL B 190 21.77 5.74 -1.10
C VAL B 190 22.41 6.44 0.10
N ASP B 191 21.68 6.45 1.20
CA ASP B 191 22.13 7.10 2.43
C ASP B 191 22.79 6.17 3.42
N LEU B 192 22.46 4.88 3.30
CA LEU B 192 22.98 3.89 4.24
C LEU B 192 23.08 2.55 3.55
N TYR B 193 24.16 1.83 3.85
CA TYR B 193 24.40 0.52 3.25
C TYR B 193 24.12 -0.54 4.31
N LEU B 194 23.22 -1.46 3.98
CA LEU B 194 22.86 -2.53 4.90
C LEU B 194 23.67 -3.76 4.62
N THR B 195 24.31 -4.32 5.64
CA THR B 195 25.08 -5.52 5.37
C THR B 195 24.79 -6.69 6.30
N TRP B 196 24.77 -7.88 5.71
CA TRP B 196 24.57 -9.11 6.44
C TRP B 196 25.55 -9.15 7.61
N GLY B 197 25.17 -9.84 8.69
CA GLY B 197 26.04 -9.91 9.85
C GLY B 197 27.18 -10.88 9.73
N GLU B 198 28.36 -10.39 9.37
CA GLU B 198 29.53 -11.24 9.22
C GLU B 198 30.55 -10.93 10.33
N PRO B 199 31.60 -11.76 10.45
CA PRO B 199 32.57 -11.44 11.52
C PRO B 199 33.12 -10.02 11.31
N PRO B 200 33.52 -9.34 12.40
CA PRO B 200 34.06 -7.97 12.35
C PRO B 200 35.04 -7.71 11.22
N GLU B 201 35.90 -8.68 10.95
CA GLU B 201 36.89 -8.60 9.90
C GLU B 201 36.25 -8.37 8.54
N LEU B 202 35.59 -9.39 8.02
CA LEU B 202 34.94 -9.31 6.73
C LEU B 202 34.02 -8.09 6.64
N VAL B 203 33.51 -7.66 7.78
CA VAL B 203 32.61 -6.51 7.81
C VAL B 203 33.38 -5.20 7.78
N LYS B 204 34.51 -5.14 8.47
CA LYS B 204 35.31 -3.90 8.46
C LYS B 204 35.74 -3.65 7.01
N GLU B 205 36.07 -4.72 6.32
CA GLU B 205 36.50 -4.62 4.94
C GLU B 205 35.41 -4.10 4.00
N LYS B 206 34.20 -4.62 4.16
CA LYS B 206 33.12 -4.19 3.28
C LYS B 206 32.76 -2.74 3.54
N ILE B 207 32.98 -2.29 4.76
CA ILE B 207 32.69 -0.90 5.08
C ILE B 207 33.64 -0.04 4.26
N GLU B 208 34.89 -0.46 4.15
CA GLU B 208 35.87 0.29 3.36
C GLU B 208 35.54 0.26 1.86
N GLN B 209 35.42 -0.94 1.30
CA GLN B 209 35.13 -1.05 -0.13
C GLN B 209 33.90 -0.23 -0.47
N VAL B 210 33.03 -0.03 0.52
CA VAL B 210 31.83 0.74 0.30
C VAL B 210 32.09 2.22 0.49
N ARG B 211 32.67 2.57 1.64
CA ARG B 211 32.97 3.96 1.96
C ARG B 211 33.81 4.62 0.87
N ALA B 212 34.64 3.80 0.22
CA ALA B 212 35.51 4.27 -0.85
C ALA B 212 34.73 4.58 -2.13
N LYS B 213 33.95 3.62 -2.62
CA LYS B 213 33.18 3.84 -3.83
C LYS B 213 32.23 5.02 -3.66
N ALA B 214 31.99 5.40 -2.40
CA ALA B 214 31.10 6.51 -2.11
C ALA B 214 31.91 7.79 -2.14
N ALA B 215 33.06 7.78 -1.47
CA ALA B 215 33.93 8.95 -1.45
C ALA B 215 34.30 9.34 -2.90
N ALA B 216 34.44 8.35 -3.79
CA ALA B 216 34.77 8.63 -5.16
C ALA B 216 33.72 9.58 -5.79
N HIS B 217 32.47 9.52 -5.32
CA HIS B 217 31.45 10.43 -5.84
C HIS B 217 31.32 11.57 -4.85
N GLY B 218 32.34 11.75 -4.01
CA GLY B 218 32.36 12.80 -3.01
C GLY B 218 31.21 12.81 -2.01
N ARG B 219 30.67 11.64 -1.70
CA ARG B 219 29.57 11.56 -0.75
C ARG B 219 29.79 10.63 0.42
N LYS B 220 29.15 11.02 1.52
CA LYS B 220 29.18 10.31 2.79
C LYS B 220 28.11 9.21 2.78
N ILE B 221 28.40 8.09 3.43
CA ILE B 221 27.46 6.97 3.50
C ILE B 221 27.50 6.34 4.90
N ARG B 222 26.35 5.87 5.34
CA ARG B 222 26.20 5.25 6.66
C ARG B 222 26.10 3.74 6.56
N PHE B 223 26.20 3.09 7.72
CA PHE B 223 26.08 1.64 7.74
C PHE B 223 25.18 1.05 8.83
N GLY B 224 24.49 -0.02 8.46
CA GLY B 224 23.64 -0.72 9.40
C GLY B 224 23.99 -2.19 9.18
N ILE B 225 23.66 -3.06 10.12
CA ILE B 225 23.96 -4.49 9.91
C ILE B 225 22.75 -5.33 10.39
N ARG B 226 22.43 -6.39 9.63
CA ARG B 226 21.30 -7.28 9.87
C ARG B 226 21.72 -8.60 10.46
N LEU B 227 21.40 -8.71 11.75
CA LEU B 227 21.72 -9.84 12.56
C LEU B 227 20.47 -10.43 13.18
N HIS B 228 20.59 -11.68 13.59
CA HIS B 228 19.51 -12.37 14.26
C HIS B 228 20.03 -12.33 15.71
N VAL B 229 19.16 -12.37 16.69
CA VAL B 229 19.68 -12.29 18.06
C VAL B 229 19.09 -13.38 18.91
N ILE B 230 19.90 -13.88 19.84
CA ILE B 230 19.49 -14.92 20.77
C ILE B 230 20.22 -14.54 22.03
N VAL B 231 19.64 -13.61 22.79
CA VAL B 231 20.22 -13.13 24.05
C VAL B 231 19.47 -13.68 25.25
N ARG B 232 20.22 -13.97 26.31
CA ARG B 232 19.64 -14.52 27.53
C ARG B 232 20.30 -14.07 28.83
N GLU B 233 19.81 -14.60 29.94
CA GLU B 233 20.34 -14.27 31.26
C GLU B 233 21.82 -14.64 31.27
N THR B 234 22.11 -15.83 30.78
CA THR B 234 23.48 -16.39 30.74
C THR B 234 23.78 -17.07 29.42
N ASN B 235 25.06 -17.14 29.05
CA ASN B 235 25.48 -17.79 27.81
C ASN B 235 25.04 -19.26 27.77
N ASP B 236 25.07 -19.90 28.92
CA ASP B 236 24.67 -21.29 28.96
C ASP B 236 23.26 -21.38 28.41
N GLU B 237 22.39 -20.56 28.96
CA GLU B 237 20.99 -20.52 28.55
C GLU B 237 20.83 -20.15 27.08
N ALA B 238 21.65 -19.21 26.61
CA ALA B 238 21.56 -18.78 25.22
C ALA B 238 22.01 -19.81 24.21
N TRP B 239 23.00 -20.63 24.53
CA TRP B 239 23.42 -21.64 23.56
C TRP B 239 22.33 -22.71 23.48
N GLN B 240 21.72 -23.01 24.62
CA GLN B 240 20.67 -24.01 24.62
C GLN B 240 19.48 -23.48 23.81
N ALA B 241 19.17 -22.19 23.95
CA ALA B 241 18.06 -21.57 23.18
C ALA B 241 18.33 -21.79 21.72
N ALA B 242 19.57 -21.52 21.32
CA ALA B 242 20.03 -21.69 19.94
C ALA B 242 19.90 -23.11 19.44
N GLU B 243 20.39 -24.06 20.23
CA GLU B 243 20.29 -25.44 19.79
C GLU B 243 18.83 -25.78 19.59
N ARG B 244 18.00 -25.45 20.58
CA ARG B 244 16.58 -25.77 20.45
C ARG B 244 15.91 -25.08 19.28
N LEU B 245 16.44 -23.93 18.85
CA LEU B 245 15.83 -23.23 17.72
C LEU B 245 16.03 -24.04 16.44
N ILE B 246 17.06 -24.87 16.45
CA ILE B 246 17.44 -25.69 15.31
C ILE B 246 17.00 -27.15 15.46
N SER B 247 16.70 -27.55 16.70
CA SER B 247 16.29 -28.92 17.06
C SER B 247 15.37 -29.73 16.15
N HIS B 248 14.88 -29.19 15.05
CA HIS B 248 13.98 -29.98 14.21
C HIS B 248 14.53 -30.14 12.82
N LEU B 249 15.86 -30.20 12.73
CA LEU B 249 16.52 -30.36 11.44
C LEU B 249 17.40 -31.60 11.41
N LEU B 283 29.39 -24.22 14.04
CA LEU B 283 28.55 -23.21 13.41
C LEU B 283 28.85 -21.84 14.00
N GLU B 284 29.66 -21.79 15.05
CA GLU B 284 30.04 -20.53 15.67
C GLU B 284 31.22 -19.88 14.92
N ILE B 285 30.96 -19.49 13.69
CA ILE B 285 31.96 -18.88 12.82
C ILE B 285 32.72 -17.65 13.35
N SER B 286 32.49 -17.28 14.60
CA SER B 286 33.16 -16.12 15.19
C SER B 286 32.63 -16.08 16.62
N PRO B 287 33.40 -15.49 17.58
CA PRO B 287 32.96 -15.43 18.98
C PRO B 287 31.51 -14.98 19.18
N ASN B 288 30.67 -15.92 19.58
CA ASN B 288 29.25 -15.67 19.80
C ASN B 288 28.55 -15.28 18.51
N LEU B 289 28.98 -15.86 17.39
CA LEU B 289 28.38 -15.59 16.10
C LEU B 289 28.04 -16.94 15.55
N TRP B 290 26.75 -17.22 15.39
CA TRP B 290 26.27 -18.51 14.92
C TRP B 290 25.65 -18.43 13.53
N ALA B 291 25.94 -19.42 12.69
CA ALA B 291 25.34 -19.42 11.36
C ALA B 291 24.25 -20.48 11.40
N GLY B 292 23.93 -20.92 12.62
CA GLY B 292 22.88 -21.90 12.81
C GLY B 292 21.63 -21.44 12.11
N VAL B 293 21.25 -20.18 12.33
CA VAL B 293 20.04 -19.64 11.70
C VAL B 293 20.07 -19.66 10.18
N GLY B 294 21.27 -19.70 9.63
CA GLY B 294 21.42 -19.73 8.18
C GLY B 294 21.27 -21.15 7.68
N LEU B 295 21.16 -22.09 8.61
CA LEU B 295 21.02 -23.48 8.27
C LEU B 295 19.71 -23.77 7.54
N VAL B 296 18.95 -22.71 7.24
CA VAL B 296 17.68 -22.81 6.52
C VAL B 296 17.66 -21.77 5.39
N ARG B 297 16.81 -21.99 4.39
CA ARG B 297 16.74 -21.12 3.21
C ARG B 297 16.18 -19.70 3.36
N GLY B 298 16.49 -19.01 4.45
CA GLY B 298 15.98 -17.66 4.57
C GLY B 298 16.19 -17.01 5.91
N GLY B 299 16.54 -15.73 5.88
CA GLY B 299 16.76 -15.03 7.11
C GLY B 299 18.07 -14.28 7.17
N ALA B 300 18.57 -14.09 8.38
CA ALA B 300 19.79 -13.38 8.60
C ALA B 300 21.06 -14.24 8.68
N GLY B 301 21.03 -15.46 8.15
CA GLY B 301 22.22 -16.30 8.17
C GLY B 301 23.01 -16.40 9.47
N THR B 302 23.18 -15.31 10.21
CA THR B 302 23.95 -15.33 11.44
C THR B 302 23.16 -14.76 12.64
N ALA B 303 23.57 -15.09 13.85
CA ALA B 303 22.89 -14.61 15.05
C ALA B 303 23.87 -14.41 16.18
N LEU B 304 23.72 -13.28 16.89
CA LEU B 304 24.57 -12.98 18.01
C LEU B 304 23.99 -13.76 19.18
N VAL B 305 24.66 -14.83 19.59
CA VAL B 305 24.21 -15.67 20.69
C VAL B 305 25.06 -15.40 21.93
N GLY B 306 24.43 -14.97 23.02
CA GLY B 306 25.19 -14.71 24.24
C GLY B 306 24.33 -14.16 25.36
N ASP B 307 24.95 -13.89 26.50
CA ASP B 307 24.23 -13.30 27.63
C ASP B 307 24.12 -11.81 27.31
N GLY B 308 23.68 -11.01 28.27
CA GLY B 308 23.53 -9.58 28.02
C GLY B 308 24.78 -8.80 27.67
N PRO B 309 25.77 -8.73 28.58
CA PRO B 309 27.02 -7.99 28.32
C PRO B 309 27.83 -8.47 27.12
N THR B 310 27.82 -9.76 26.85
CA THR B 310 28.57 -10.27 25.73
C THR B 310 27.93 -9.93 24.37
N VAL B 311 26.60 -9.90 24.29
CA VAL B 311 25.96 -9.53 23.03
C VAL B 311 26.15 -8.03 22.86
N ALA B 312 26.08 -7.30 23.96
CA ALA B 312 26.27 -5.86 23.95
C ALA B 312 27.67 -5.58 23.38
N ALA B 313 28.63 -6.37 23.85
CA ALA B 313 30.02 -6.23 23.45
C ALA B 313 30.19 -6.38 21.95
N ARG B 314 29.71 -7.49 21.39
CA ARG B 314 29.86 -7.65 19.94
C ARG B 314 29.06 -6.61 19.18
N ILE B 315 28.01 -6.09 19.80
CA ILE B 315 27.21 -5.08 19.12
C ILE B 315 28.02 -3.79 19.02
N ASN B 316 28.56 -3.34 20.14
CA ASN B 316 29.36 -2.12 20.15
C ASN B 316 30.55 -2.28 19.21
N GLU B 317 31.22 -3.42 19.31
CA GLU B 317 32.34 -3.74 18.46
C GLU B 317 31.99 -3.37 17.06
N TYR B 318 30.84 -3.85 16.62
CA TYR B 318 30.38 -3.53 15.27
C TYR B 318 30.16 -2.03 15.13
N ALA B 319 29.73 -1.35 16.19
CA ALA B 319 29.49 0.09 16.13
C ALA B 319 30.81 0.84 16.05
N ALA B 320 31.84 0.23 16.61
CA ALA B 320 33.16 0.85 16.60
C ALA B 320 33.58 0.93 15.13
N LEU B 321 33.14 -0.03 14.32
CA LEU B 321 33.51 -0.08 12.91
C LEU B 321 32.71 0.83 12.00
N GLY B 322 31.77 1.59 12.56
CA GLY B 322 30.98 2.49 11.72
C GLY B 322 29.52 2.12 11.47
N ILE B 323 29.00 1.15 12.21
CA ILE B 323 27.60 0.73 12.08
C ILE B 323 26.79 1.60 13.04
N ASP B 324 25.84 2.39 12.53
CA ASP B 324 25.05 3.23 13.43
C ASP B 324 23.63 2.69 13.61
N SER B 325 23.26 1.68 12.80
CA SER B 325 21.93 1.06 12.83
C SER B 325 21.99 -0.48 12.90
N PHE B 326 21.15 -1.08 13.74
CA PHE B 326 21.11 -2.56 13.86
C PHE B 326 19.70 -3.16 13.65
N VAL B 327 19.56 -3.94 12.58
CA VAL B 327 18.28 -4.57 12.29
C VAL B 327 18.29 -5.99 12.88
N LEU B 328 17.77 -6.11 14.09
CA LEU B 328 17.76 -7.40 14.77
C LEU B 328 16.51 -8.23 14.52
N SER B 329 16.54 -9.50 14.93
CA SER B 329 15.39 -10.39 14.76
C SER B 329 15.45 -11.59 15.72
N GLY B 330 14.32 -12.27 15.89
CA GLY B 330 14.27 -13.43 16.78
C GLY B 330 12.99 -14.22 16.64
N TYR B 331 13.01 -15.47 17.13
CA TYR B 331 11.84 -16.34 17.00
C TYR B 331 11.42 -16.75 18.38
N PRO B 332 10.17 -16.45 18.77
CA PRO B 332 9.22 -15.73 17.91
C PRO B 332 9.57 -14.26 18.01
N HIS B 333 9.10 -13.46 17.07
CA HIS B 333 9.45 -12.03 17.07
C HIS B 333 8.77 -11.16 18.11
N LEU B 334 7.73 -11.66 18.74
CA LEU B 334 7.03 -10.86 19.72
C LEU B 334 7.80 -10.96 21.01
N GLU B 335 8.01 -12.20 21.44
CA GLU B 335 8.67 -12.44 22.70
C GLU B 335 10.13 -11.99 22.63
N GLU B 336 10.76 -12.27 21.51
CA GLU B 336 12.16 -11.93 21.36
C GLU B 336 12.48 -10.45 21.31
N ALA B 337 11.52 -9.61 20.89
CA ALA B 337 11.71 -8.17 20.85
C ALA B 337 11.68 -7.62 22.25
N TYR B 338 11.01 -8.33 23.14
CA TYR B 338 10.95 -7.91 24.53
C TYR B 338 12.28 -8.39 25.16
N ARG B 339 12.85 -9.48 24.67
CA ARG B 339 14.13 -9.91 25.26
C ARG B 339 15.25 -8.97 24.89
N VAL B 340 15.46 -8.78 23.59
CA VAL B 340 16.50 -7.84 23.19
C VAL B 340 16.21 -6.47 23.84
N GLY B 341 14.93 -6.11 24.03
CA GLY B 341 14.66 -4.80 24.60
C GLY B 341 14.92 -4.71 26.11
N GLU B 342 14.77 -5.82 26.78
CA GLU B 342 14.96 -5.85 28.22
C GLU B 342 16.34 -6.26 28.66
N LEU B 343 16.94 -7.18 27.93
CA LEU B 343 18.29 -7.66 28.24
C LEU B 343 19.38 -6.79 27.60
N LEU B 344 19.16 -6.40 26.35
CA LEU B 344 20.14 -5.58 25.60
C LEU B 344 20.08 -4.06 25.76
N PHE B 345 18.97 -3.45 25.43
CA PHE B 345 18.90 -1.99 25.51
C PHE B 345 19.54 -1.33 26.74
N PRO B 346 19.30 -1.88 27.96
CA PRO B 346 19.87 -1.31 29.20
C PRO B 346 21.39 -1.26 29.21
N LEU B 347 22.00 -2.10 28.35
CA LEU B 347 23.45 -2.21 28.24
C LEU B 347 24.03 -1.47 27.03
N LEU B 348 23.17 -0.78 26.28
CA LEU B 348 23.62 -0.05 25.10
C LEU B 348 23.16 1.40 25.12
N ASP B 349 23.78 2.22 24.27
CA ASP B 349 23.46 3.64 24.16
C ASP B 349 22.54 3.66 22.96
N VAL B 350 21.30 3.24 23.18
CA VAL B 350 20.36 3.18 22.08
C VAL B 350 19.68 4.51 21.84
N ALA B 351 19.53 4.86 20.55
CA ALA B 351 18.85 6.08 20.14
C ALA B 351 17.35 5.90 20.36
N ILE B 352 16.78 6.62 21.32
CA ILE B 352 15.35 6.51 21.56
C ILE B 352 14.57 7.51 20.70
N PRO B 353 13.80 7.00 19.74
CA PRO B 353 13.00 7.84 18.85
C PRO B 353 11.94 8.67 19.54
N GLU B 354 11.50 9.70 18.85
CA GLU B 354 10.53 10.61 19.40
C GLU B 354 9.31 10.64 18.55
N ILE B 355 8.18 10.87 19.21
CA ILE B 355 6.95 10.98 18.48
C ILE B 355 7.02 12.37 17.86
N PRO B 356 6.79 12.49 16.55
CA PRO B 356 6.85 13.81 15.93
C PRO B 356 5.53 14.55 16.16
N GLN B 357 5.60 15.87 16.32
CA GLN B 357 4.41 16.65 16.54
C GLN B 357 3.61 16.67 15.26
N PRO B 358 2.32 16.99 15.37
CA PRO B 358 1.47 17.04 14.19
C PRO B 358 1.79 18.21 13.27
N GLN B 359 1.77 17.95 11.98
CA GLN B 359 2.03 19.02 11.02
C GLN B 359 0.92 20.05 11.29
N PRO B 360 1.29 21.34 11.35
CA PRO B 360 0.26 22.35 11.63
C PRO B 360 -0.75 22.44 10.48
N LEU B 361 -2.01 22.67 10.80
CA LEU B 361 -3.05 22.77 9.77
C LEU B 361 -3.04 24.18 9.18
#